data_8EAE
#
_entry.id   8EAE
#
_cell.length_a   77.428
_cell.length_b   99.322
_cell.length_c   141.723
_cell.angle_alpha   90.000
_cell.angle_beta   90.000
_cell.angle_gamma   90.000
#
_symmetry.space_group_name_H-M   'P 21 21 21'
#
loop_
_entity.id
_entity.type
_entity.pdbx_description
1 polymer 'Cyclic GMP-AMP synthase'
2 polymer 'Palindromic DNA18'
3 non-polymer '[[(2~{R},3~{R},4~{R},5~{R})-5-(2-azanyl-6-oxidanylidene-1~{H}-purin-9-yl)-4-[[(2~{R},3~{S},4~{R},5~{R})-3,4-bis(oxidanyl)-5-(6-oxidanylidene-1~{H}-purin-9-yl)oxolan-2-yl]methoxy-oxidanyl-phosphoryl]oxy-3-oxidanyl-oxolan-2-yl]methoxy-oxidanyl-phosphoryl] phosphono hydrogen phosphate'
4 non-polymer 'ZINC ION'
5 non-polymer 'MAGNESIUM ION'
6 water water
#
loop_
_entity_poly.entity_id
_entity_poly.type
_entity_poly.pdbx_seq_one_letter_code
_entity_poly.pdbx_strand_id
1 'polypeptide(L)'
;GTGPDKLKKVLDKLRLKRKDISEAAETVNKVVERLLRRMQKRESEFKGVEQLNTGSYYEHVKISAPNEFDVMFKLEVPRI
ELQEYYETGAFYLVKFKRIPRGNPLSHFLEGEVLSATKMLSKFRKIIKEEVKEIKDIDVSVEKEKPGSPAVTLLIRNPEE
ISVDIILALESKGSWPISTKEGLPIQGWLGTKVRTNLRREPFYLVPKNAKDGNSFQGETWRLSFSHTEKYILNNHGIEKT
CCESSGAKCCRKECLKLMKYLLEQLKKEFQELDAFCSYHVKTAIFHMWTQDPQDSQWDPRNLSSCFDKLLAFFLECLRTE
KLDHYFIPKFNLFSQELIDRKSKEFLSKKIEYERNNGFPIFDKL
;
A,C
2 'polydeoxyribonucleotide' (DA)(DT)(DC)(DT)(DG)(DT)(DA)(DC)(DA)(DT)(DG)(DT)(DA)(DC)(DA)(DG)(DA)(DT) E,F,I,J
#
# COMPACT_ATOMS: atom_id res chain seq x y z
N ASP A 5 34.07 2.57 -10.22
CA ASP A 5 34.51 1.22 -10.70
C ASP A 5 35.04 0.33 -9.58
N LYS A 6 35.88 0.91 -8.71
CA LYS A 6 36.35 0.25 -7.49
C LYS A 6 35.16 -0.25 -6.64
N LEU A 7 34.20 0.64 -6.42
CA LEU A 7 33.04 0.33 -5.60
C LEU A 7 32.14 -0.73 -6.24
N LYS A 8 32.01 -0.70 -7.58
CA LYS A 8 31.25 -1.71 -8.30
C LYS A 8 31.84 -3.09 -8.07
N LYS A 9 33.18 -3.18 -8.09
CA LYS A 9 33.91 -4.44 -7.91
C LYS A 9 33.91 -4.90 -6.45
N VAL A 10 33.77 -3.96 -5.50
CA VAL A 10 33.56 -4.31 -4.10
C VAL A 10 32.19 -4.97 -3.95
N LEU A 11 31.16 -4.35 -4.54
CA LEU A 11 29.79 -4.87 -4.53
C LEU A 11 29.66 -6.23 -5.21
N ASP A 12 30.50 -6.48 -6.23
CA ASP A 12 30.64 -7.81 -6.82
C ASP A 12 31.14 -8.85 -5.82
N LYS A 13 32.19 -8.49 -5.06
CA LYS A 13 32.68 -9.33 -3.98
C LYS A 13 31.57 -9.58 -2.94
N LEU A 14 30.83 -8.52 -2.60
CA LEU A 14 29.80 -8.56 -1.56
C LEU A 14 28.54 -9.34 -1.92
N ARG A 15 28.26 -9.46 -3.23
CA ARG A 15 27.04 -10.11 -3.77
C ARG A 15 26.99 -11.58 -3.35
N LEU A 16 25.83 -12.04 -2.86
CA LEU A 16 25.62 -13.44 -2.52
C LEU A 16 25.49 -14.26 -3.78
N LYS A 17 25.90 -15.54 -3.68
CA LYS A 17 25.72 -16.54 -4.73
C LYS A 17 24.39 -17.29 -4.58
N ARG A 18 23.70 -17.53 -5.69
CA ARG A 18 22.41 -18.27 -5.70
C ARG A 18 22.60 -19.68 -5.12
N LYS A 19 23.70 -20.37 -5.44
CA LYS A 19 23.98 -21.69 -4.91
C LYS A 19 24.03 -21.67 -3.37
N ASP A 20 24.74 -20.66 -2.84
CA ASP A 20 24.89 -20.48 -1.39
C ASP A 20 23.57 -20.16 -0.69
N ILE A 21 22.78 -19.27 -1.31
CA ILE A 21 21.45 -18.89 -0.84
C ILE A 21 20.55 -20.11 -0.73
N SER A 22 20.56 -20.94 -1.77
CA SER A 22 19.68 -22.09 -1.90
C SER A 22 19.94 -23.13 -0.80
N GLU A 23 21.21 -23.49 -0.61
CA GLU A 23 21.62 -24.44 0.42
C GLU A 23 21.33 -23.91 1.85
N ALA A 24 21.71 -22.66 2.13
CA ALA A 24 21.47 -22.01 3.43
C ALA A 24 19.96 -21.95 3.77
N ALA A 25 19.16 -21.46 2.82
CA ALA A 25 17.71 -21.31 3.01
C ALA A 25 16.96 -22.63 3.28
N GLU A 26 17.35 -23.70 2.57
CA GLU A 26 16.73 -25.02 2.72
C GLU A 26 16.83 -25.47 4.18
N THR A 27 18.03 -25.34 4.73
CA THR A 27 18.35 -25.74 6.10
C THR A 27 17.70 -24.83 7.13
N VAL A 28 17.82 -23.52 6.94
CA VAL A 28 17.25 -22.55 7.87
C VAL A 28 15.73 -22.74 7.96
N ASN A 29 15.09 -22.95 6.79
CA ASN A 29 13.63 -23.10 6.75
C ASN A 29 13.14 -24.39 7.40
N LYS A 30 13.89 -25.48 7.25
CA LYS A 30 13.58 -26.72 7.94
C LYS A 30 13.53 -26.50 9.45
N VAL A 31 14.63 -25.97 9.99
CA VAL A 31 14.81 -25.77 11.42
C VAL A 31 13.71 -24.84 11.93
N VAL A 32 13.56 -23.69 11.28
CA VAL A 32 12.57 -22.69 11.67
C VAL A 32 11.13 -23.23 11.67
N GLU A 33 10.78 -24.01 10.65
CA GLU A 33 9.43 -24.59 10.52
C GLU A 33 9.11 -25.57 11.64
N ARG A 34 10.12 -26.37 12.00
CA ARG A 34 10.03 -27.37 13.10
C ARG A 34 9.89 -26.65 14.44
N LEU A 35 10.68 -25.59 14.67
CA LEU A 35 10.59 -24.85 15.92
C LEU A 35 9.22 -24.20 16.05
N LEU A 36 8.71 -23.68 14.93
CA LEU A 36 7.43 -22.99 14.88
C LEU A 36 6.28 -23.97 15.15
N ARG A 37 6.36 -25.17 14.58
CA ARG A 37 5.34 -26.24 14.78
C ARG A 37 5.35 -26.68 16.26
N ARG A 38 6.52 -26.78 16.88
CA ARG A 38 6.67 -27.15 18.31
C ARG A 38 5.95 -26.12 19.18
N MET A 39 6.08 -24.82 18.84
CA MET A 39 5.37 -23.76 19.58
C MET A 39 3.83 -23.86 19.59
N GLN A 40 3.25 -24.56 18.62
CA GLN A 40 1.79 -24.69 18.46
C GLN A 40 1.19 -25.84 19.28
N LYS A 41 2.03 -26.82 19.62
CA LYS A 41 1.65 -28.03 20.33
C LYS A 41 1.15 -27.80 21.75
N ARG A 42 0.42 -28.79 22.28
CA ARG A 42 0.18 -29.04 23.73
C ARG A 42 -0.42 -27.78 24.39
N GLU A 43 -0.13 -27.58 25.68
CA GLU A 43 -0.35 -26.33 26.39
C GLU A 43 0.95 -25.53 26.42
N SER A 44 1.60 -25.41 25.25
CA SER A 44 2.64 -24.43 25.01
C SER A 44 2.00 -23.06 25.24
N GLU A 45 2.66 -22.23 26.05
CA GLU A 45 2.24 -20.86 26.33
C GLU A 45 2.33 -19.97 25.09
N PHE A 46 3.11 -20.42 24.10
CA PHE A 46 3.36 -19.69 22.87
C PHE A 46 2.50 -20.15 21.69
N LYS A 47 1.47 -20.95 21.97
CA LYS A 47 0.55 -21.38 20.94
C LYS A 47 -0.07 -20.13 20.34
N GLY A 48 -0.13 -20.09 19.00
CA GLY A 48 -0.65 -18.96 18.26
C GLY A 48 0.44 -18.05 17.74
N VAL A 49 1.68 -18.35 18.10
CA VAL A 49 2.82 -17.56 17.69
C VAL A 49 2.95 -17.67 16.16
N GLU A 50 3.23 -16.53 15.52
CA GLU A 50 3.36 -16.45 14.06
C GLU A 50 4.75 -15.97 13.67
N GLN A 51 5.18 -16.36 12.47
CA GLN A 51 6.51 -16.06 11.97
C GLN A 51 6.54 -14.77 11.16
N LEU A 52 7.66 -14.07 11.21
CA LEU A 52 7.89 -12.84 10.46
C LEU A 52 9.39 -12.74 10.25
N ASN A 53 9.83 -12.87 8.99
CA ASN A 53 11.24 -12.80 8.67
C ASN A 53 11.70 -11.37 8.55
N THR A 54 12.79 -11.05 9.26
CA THR A 54 13.29 -9.68 9.35
C THR A 54 14.79 -9.59 9.03
N GLY A 55 15.30 -8.37 8.96
CA GLY A 55 16.72 -8.12 8.86
C GLY A 55 17.29 -8.23 7.47
N SER A 56 18.62 -8.24 7.40
CA SER A 56 19.33 -7.90 6.18
C SER A 56 19.04 -8.86 5.03
N TYR A 57 18.95 -10.17 5.32
CA TYR A 57 18.74 -11.21 4.29
C TYR A 57 17.40 -10.97 3.59
N TYR A 58 16.35 -10.67 4.35
CA TYR A 58 14.96 -10.52 3.84
C TYR A 58 14.73 -9.11 3.28
N GLU A 59 15.62 -8.15 3.60
CA GLU A 59 15.65 -6.83 2.99
C GLU A 59 16.58 -6.77 1.76
N HIS A 60 17.22 -7.89 1.42
CA HIS A 60 18.21 -7.94 0.33
C HIS A 60 19.42 -7.00 0.50
N VAL A 61 19.89 -6.83 1.73
CA VAL A 61 21.13 -6.10 1.99
C VAL A 61 22.18 -6.92 2.76
N LYS A 62 21.95 -8.24 2.89
CA LYS A 62 22.93 -9.12 3.47
C LYS A 62 24.12 -9.13 2.54
N ILE A 63 25.32 -9.07 3.13
CA ILE A 63 26.56 -9.04 2.35
C ILE A 63 27.46 -10.26 2.58
N SER A 64 28.27 -10.57 1.56
CA SER A 64 29.36 -11.56 1.61
C SER A 64 28.93 -13.03 1.53
N ALA A 65 28.00 -13.43 2.40
CA ALA A 65 27.50 -14.80 2.45
C ALA A 65 26.15 -14.86 3.17
N PRO A 66 25.29 -15.86 2.84
CA PRO A 66 24.00 -16.01 3.50
C PRO A 66 24.16 -16.80 4.81
N ASN A 67 24.75 -16.18 5.82
CA ASN A 67 25.15 -16.85 7.05
C ASN A 67 24.54 -16.30 8.36
N GLU A 68 23.65 -15.31 8.24
CA GLU A 68 22.95 -14.77 9.40
C GLU A 68 21.53 -14.39 9.00
N PHE A 69 20.56 -15.02 9.68
CA PHE A 69 19.14 -14.91 9.42
C PHE A 69 18.45 -14.50 10.70
N ASP A 70 17.45 -13.62 10.58
CA ASP A 70 16.73 -13.09 11.75
C ASP A 70 15.26 -13.34 11.55
N VAL A 71 14.63 -14.04 12.51
CA VAL A 71 13.24 -14.41 12.42
C VAL A 71 12.51 -14.10 13.72
N MET A 72 11.38 -13.42 13.61
CA MET A 72 10.57 -12.99 14.73
C MET A 72 9.44 -14.03 14.89
N PHE A 73 9.25 -14.52 16.12
CA PHE A 73 8.13 -15.37 16.50
C PHE A 73 7.22 -14.50 17.35
N LYS A 74 6.18 -13.93 16.72
CA LYS A 74 5.36 -12.90 17.34
C LYS A 74 4.06 -13.47 17.87
N LEU A 75 3.69 -13.03 19.07
CA LEU A 75 2.51 -13.53 19.76
C LEU A 75 1.62 -12.33 20.05
N GLU A 76 0.37 -12.38 19.54
CA GLU A 76 -0.61 -11.32 19.76
C GLU A 76 -1.07 -11.38 21.20
N VAL A 77 -1.12 -10.21 21.84
CA VAL A 77 -1.39 -10.07 23.26
C VAL A 77 -2.38 -8.91 23.39
N PRO A 78 -3.70 -9.18 23.38
CA PRO A 78 -4.71 -8.11 23.48
C PRO A 78 -4.76 -7.53 24.89
N ARG A 79 -5.38 -6.36 25.01
CA ARG A 79 -5.69 -5.65 26.30
C ARG A 79 -4.41 -5.54 27.15
N ILE A 80 -3.43 -4.82 26.61
CA ILE A 80 -2.12 -4.63 27.21
C ILE A 80 -2.01 -3.13 27.52
N GLU A 81 -1.53 -2.80 28.72
CA GLU A 81 -1.21 -1.43 29.10
C GLU A 81 0.30 -1.30 29.24
N LEU A 82 0.87 -0.32 28.52
CA LEU A 82 2.28 0.00 28.59
C LEU A 82 2.54 1.11 29.59
N GLN A 83 3.72 1.06 30.22
CA GLN A 83 4.23 2.13 31.04
C GLN A 83 5.67 2.32 30.64
N GLU A 84 5.99 3.51 30.13
CA GLU A 84 7.32 3.85 29.68
C GLU A 84 8.27 3.86 30.88
N TYR A 85 9.40 3.15 30.72
CA TYR A 85 10.47 3.03 31.73
C TYR A 85 11.29 4.32 31.68
N TYR A 86 11.10 5.19 32.69
CA TYR A 86 11.90 6.41 32.95
C TYR A 86 12.15 7.22 31.68
N GLU A 87 11.11 7.58 30.94
CA GLU A 87 11.24 8.51 29.79
C GLU A 87 12.36 8.18 28.76
N THR A 88 12.70 6.89 28.62
CA THR A 88 13.70 6.42 27.66
C THR A 88 13.19 6.40 26.22
N GLY A 89 11.86 6.29 26.07
CA GLY A 89 11.21 6.24 24.78
C GLY A 89 11.07 4.83 24.21
N ALA A 90 12.16 4.05 24.28
CA ALA A 90 12.24 2.71 23.72
C ALA A 90 11.81 1.56 24.64
N PHE A 91 11.93 1.77 25.96
CA PHE A 91 11.74 0.72 26.97
C PHE A 91 10.46 0.89 27.79
N TYR A 92 9.82 -0.22 28.14
CA TYR A 92 8.42 -0.29 28.68
C TYR A 92 8.26 -1.49 29.62
N LEU A 93 7.38 -1.32 30.61
CA LEU A 93 6.79 -2.40 31.39
C LEU A 93 5.44 -2.73 30.74
N VAL A 94 5.07 -4.01 30.77
CA VAL A 94 3.84 -4.51 30.18
C VAL A 94 2.99 -5.09 31.27
N LYS A 95 1.78 -4.54 31.42
CA LYS A 95 0.80 -4.98 32.40
C LYS A 95 -0.49 -5.34 31.68
N PHE A 96 -1.36 -6.07 32.39
CA PHE A 96 -2.65 -6.50 31.87
C PHE A 96 -3.83 -5.87 32.62
N LYS A 97 -4.83 -5.42 31.84
CA LYS A 97 -6.17 -5.06 32.34
C LYS A 97 -6.73 -6.20 33.19
N ARG A 98 -6.84 -7.38 32.56
CA ARG A 98 -7.48 -8.61 33.10
C ARG A 98 -6.46 -9.41 33.93
N ILE A 99 -6.92 -10.12 34.98
CA ILE A 99 -6.11 -11.05 35.78
C ILE A 99 -6.65 -12.48 35.67
N ASN A 103 -5.77 -18.33 30.77
CA ASN A 103 -4.84 -17.34 30.21
C ASN A 103 -3.39 -17.82 30.17
N PRO A 104 -2.86 -18.23 28.99
CA PRO A 104 -1.58 -18.94 28.95
C PRO A 104 -0.43 -18.21 29.67
N LEU A 105 -0.38 -16.88 29.56
CA LEU A 105 0.73 -16.07 30.08
C LEU A 105 0.72 -15.85 31.59
N SER A 106 -0.33 -16.29 32.28
CA SER A 106 -0.40 -16.19 33.73
C SER A 106 0.91 -16.64 34.41
N HIS A 107 1.55 -17.68 33.85
CA HIS A 107 2.78 -18.26 34.40
C HIS A 107 3.99 -17.32 34.44
N PHE A 108 3.89 -16.17 33.75
CA PHE A 108 4.97 -15.19 33.61
C PHE A 108 4.65 -13.86 34.29
N LEU A 109 3.48 -13.74 34.92
CA LEU A 109 3.12 -12.53 35.67
C LEU A 109 3.97 -12.37 36.94
N GLU A 110 4.07 -11.12 37.39
CA GLU A 110 4.59 -10.76 38.71
C GLU A 110 3.67 -9.64 39.18
N GLY A 111 2.54 -10.05 39.76
CA GLY A 111 1.42 -9.18 40.01
C GLY A 111 0.70 -8.92 38.70
N GLU A 112 0.81 -7.68 38.20
CA GLU A 112 0.22 -7.28 36.93
C GLU A 112 1.25 -7.27 35.81
N VAL A 113 2.53 -7.48 36.17
CA VAL A 113 3.65 -7.22 35.27
C VAL A 113 4.17 -8.47 34.57
N LEU A 114 4.14 -8.44 33.24
CA LEU A 114 4.61 -9.52 32.39
C LEU A 114 6.14 -9.52 32.34
N SER A 115 6.76 -10.51 33.00
CA SER A 115 8.22 -10.67 33.00
C SER A 115 8.79 -11.13 31.65
N ALA A 116 9.57 -10.24 31.03
CA ALA A 116 10.36 -10.53 29.84
C ALA A 116 11.29 -11.74 30.03
N THR A 117 12.12 -11.73 31.07
CA THR A 117 13.09 -12.81 31.30
C THR A 117 12.46 -14.16 31.57
N LYS A 118 11.38 -14.19 32.38
CA LYS A 118 10.66 -15.44 32.65
C LYS A 118 10.10 -16.00 31.35
N MET A 119 9.50 -15.12 30.55
CA MET A 119 8.89 -15.53 29.29
C MET A 119 9.94 -16.02 28.28
N LEU A 120 11.04 -15.26 28.16
CA LEU A 120 12.18 -15.63 27.32
C LEU A 120 12.85 -16.94 27.77
N SER A 121 12.95 -17.15 29.08
CA SER A 121 13.55 -18.38 29.61
C SER A 121 12.79 -19.60 29.14
N LYS A 122 11.46 -19.51 29.20
CA LYS A 122 10.61 -20.62 28.85
C LYS A 122 10.71 -20.87 27.34
N PHE A 123 10.63 -19.79 26.57
CA PHE A 123 10.79 -19.82 25.12
C PHE A 123 12.08 -20.54 24.75
N ARG A 124 13.15 -20.15 25.42
CA ARG A 124 14.53 -20.68 25.23
C ARG A 124 14.60 -22.17 25.62
N LYS A 125 13.96 -22.53 26.73
CA LYS A 125 13.91 -23.91 27.20
C LYS A 125 13.26 -24.83 26.14
N ILE A 126 12.12 -24.39 25.60
CA ILE A 126 11.40 -25.14 24.58
C ILE A 126 12.25 -25.33 23.34
N ILE A 127 12.83 -24.22 22.84
CA ILE A 127 13.67 -24.27 21.66
C ILE A 127 14.85 -25.25 21.85
N LYS A 128 15.50 -25.20 23.01
CA LYS A 128 16.63 -26.07 23.31
C LYS A 128 16.26 -27.54 23.21
N GLU A 129 15.04 -27.86 23.68
CA GLU A 129 14.51 -29.22 23.64
C GLU A 129 14.29 -29.68 22.21
N GLU A 130 13.60 -28.87 21.41
CA GLU A 130 13.31 -29.25 20.04
C GLU A 130 14.58 -29.43 19.22
N VAL A 131 15.58 -28.58 19.49
CA VAL A 131 16.86 -28.66 18.81
C VAL A 131 17.61 -29.94 19.15
N LYS A 132 17.47 -30.38 20.41
CA LYS A 132 18.08 -31.61 20.90
C LYS A 132 17.53 -32.81 20.14
N GLU A 133 16.26 -32.71 19.68
CA GLU A 133 15.55 -33.77 18.93
C GLU A 133 15.83 -33.79 17.42
N ILE A 134 16.56 -32.78 16.90
CA ILE A 134 16.88 -32.72 15.49
C ILE A 134 18.13 -33.56 15.20
N LYS A 135 17.95 -34.60 14.38
CA LYS A 135 19.05 -35.44 13.90
C LYS A 135 19.45 -35.23 12.43
N ASP A 136 18.70 -34.39 11.69
CA ASP A 136 18.94 -34.15 10.26
C ASP A 136 20.22 -33.34 10.04
N ILE A 137 20.33 -32.20 10.75
CA ILE A 137 21.46 -31.29 10.65
C ILE A 137 22.17 -31.01 11.96
N ASP A 138 23.44 -30.64 11.82
CA ASP A 138 24.30 -30.20 12.91
C ASP A 138 23.82 -28.79 13.32
N VAL A 139 23.10 -28.75 14.43
CA VAL A 139 22.51 -27.51 14.93
C VAL A 139 22.47 -27.51 16.45
N SER A 140 23.06 -26.46 17.06
CA SER A 140 23.06 -26.27 18.51
C SER A 140 22.58 -24.86 18.84
N VAL A 141 22.30 -24.63 20.13
CA VAL A 141 21.84 -23.36 20.65
C VAL A 141 23.00 -22.63 21.32
N GLU A 142 23.30 -21.44 20.84
CA GLU A 142 24.43 -20.65 21.30
C GLU A 142 24.15 -20.20 22.73
N LYS A 143 25.22 -20.13 23.54
CA LYS A 143 25.18 -19.58 24.90
C LYS A 143 24.50 -18.22 24.93
N GLU A 144 23.58 -18.02 25.88
CA GLU A 144 22.83 -16.77 26.01
C GLU A 144 23.77 -15.57 26.16
N LYS A 145 23.49 -14.51 25.37
CA LYS A 145 24.15 -13.22 25.51
C LYS A 145 23.26 -12.33 26.37
N PRO A 146 23.71 -11.83 27.54
CA PRO A 146 23.00 -10.76 28.23
C PRO A 146 22.90 -9.51 27.33
N GLY A 147 21.76 -8.81 27.39
CA GLY A 147 21.43 -7.69 26.52
C GLY A 147 20.89 -8.12 25.17
N SER A 148 20.22 -9.29 25.14
CA SER A 148 19.72 -9.86 23.90
C SER A 148 18.35 -10.54 24.03
N PRO A 149 17.40 -10.22 23.14
CA PRO A 149 16.09 -10.88 23.13
C PRO A 149 16.05 -12.20 22.35
N ALA A 150 17.20 -12.63 21.83
CA ALA A 150 17.27 -13.67 20.81
C ALA A 150 17.73 -15.00 21.38
N VAL A 151 17.16 -16.07 20.86
CA VAL A 151 17.73 -17.40 20.98
C VAL A 151 18.41 -17.68 19.65
N THR A 152 19.74 -17.80 19.69
CA THR A 152 20.57 -17.93 18.49
C THR A 152 20.95 -19.39 18.27
N LEU A 153 20.64 -19.89 17.06
CA LEU A 153 21.02 -21.21 16.62
C LEU A 153 22.28 -21.08 15.79
N LEU A 154 23.23 -21.99 16.03
CA LEU A 154 24.40 -22.15 15.19
C LEU A 154 24.21 -23.42 14.40
N ILE A 155 24.17 -23.29 13.07
CA ILE A 155 24.07 -24.41 12.14
C ILE A 155 25.41 -24.60 11.42
N ARG A 156 25.79 -25.86 11.21
CA ARG A 156 26.98 -26.26 10.41
C ARG A 156 26.48 -27.07 9.22
N ASN A 157 26.31 -26.40 8.09
CA ASN A 157 25.66 -26.90 6.91
C ASN A 157 26.79 -26.86 5.89
N PRO A 158 27.72 -27.83 5.94
CA PRO A 158 29.00 -27.63 6.61
C PRO A 158 29.28 -26.20 7.10
N GLU A 159 29.03 -25.20 6.26
CA GLU A 159 29.37 -23.81 6.57
C GLU A 159 28.55 -23.28 7.76
N GLU A 160 29.18 -22.40 8.54
CA GLU A 160 28.58 -21.81 9.73
C GLU A 160 27.48 -20.81 9.34
N ILE A 161 26.26 -21.06 9.83
CA ILE A 161 25.09 -20.21 9.63
C ILE A 161 24.44 -19.95 10.99
N SER A 162 24.16 -18.67 11.28
CA SER A 162 23.59 -18.24 12.54
C SER A 162 22.13 -17.86 12.31
N VAL A 163 21.22 -18.33 13.19
CA VAL A 163 19.81 -17.95 13.16
C VAL A 163 19.37 -17.39 14.52
N ASP A 164 18.97 -16.12 14.53
CA ASP A 164 18.43 -15.43 15.70
C ASP A 164 16.92 -15.55 15.70
N ILE A 165 16.37 -16.18 16.73
CA ILE A 165 14.93 -16.32 16.89
C ILE A 165 14.50 -15.38 17.99
N ILE A 166 13.75 -14.34 17.59
CA ILE A 166 13.36 -13.26 18.48
C ILE A 166 11.89 -13.41 18.90
N LEU A 167 11.68 -13.66 20.19
CA LEU A 167 10.35 -13.59 20.78
C LEU A 167 9.87 -12.16 20.73
N ALA A 168 8.60 -11.95 20.38
CA ALA A 168 8.02 -10.62 20.36
C ALA A 168 6.54 -10.65 20.71
N LEU A 169 6.11 -9.64 21.46
CA LEU A 169 4.70 -9.33 21.66
C LEU A 169 4.24 -8.46 20.51
N GLU A 170 3.08 -8.80 19.91
CA GLU A 170 2.40 -7.97 18.92
C GLU A 170 1.23 -7.23 19.57
N SER A 171 1.20 -5.90 19.42
CA SER A 171 0.07 -5.08 19.84
C SER A 171 -0.48 -4.29 18.66
N LYS A 172 -1.81 -4.33 18.52
CA LYS A 172 -2.51 -3.73 17.39
C LYS A 172 -2.99 -2.31 17.63
N GLY A 173 -2.78 -1.80 18.85
CA GLY A 173 -3.21 -0.47 19.23
C GLY A 173 -2.40 0.55 18.50
N SER A 174 -2.74 1.82 18.68
CA SER A 174 -1.91 2.88 18.12
C SER A 174 -0.53 2.79 18.79
N TRP A 175 0.49 3.24 18.05
CA TRP A 175 1.85 3.17 18.50
C TRP A 175 2.04 4.06 19.74
N PRO A 176 3.03 3.77 20.61
CA PRO A 176 3.27 4.59 21.79
C PRO A 176 3.66 6.03 21.41
N ILE A 177 3.27 6.99 22.26
CA ILE A 177 3.41 8.41 21.97
C ILE A 177 4.85 8.88 21.74
N SER A 178 5.82 8.12 22.26
CA SER A 178 7.22 8.38 22.04
C SER A 178 7.59 8.34 20.57
N THR A 179 6.75 7.69 19.75
CA THR A 179 6.96 7.60 18.31
C THR A 179 6.17 8.62 17.50
N LYS A 180 5.37 9.46 18.16
CA LYS A 180 4.45 10.35 17.45
C LYS A 180 5.17 11.19 16.40
N GLU A 181 6.35 11.71 16.74
CA GLU A 181 7.14 12.56 15.83
C GLU A 181 8.21 11.79 15.07
N GLY A 182 8.21 10.46 15.20
CA GLY A 182 9.16 9.58 14.54
C GLY A 182 8.72 9.26 13.14
N LEU A 183 9.53 8.47 12.44
CA LEU A 183 9.21 8.05 11.07
C LEU A 183 8.87 9.26 10.20
N PRO A 184 9.81 10.21 10.04
CA PRO A 184 9.55 11.45 9.32
C PRO A 184 9.65 11.32 7.79
N ILE A 185 8.79 10.46 7.21
CA ILE A 185 8.84 10.08 5.80
C ILE A 185 7.93 10.91 4.85
N GLN A 186 7.32 11.96 5.38
CA GLN A 186 6.30 12.76 4.70
C GLN A 186 6.75 13.37 3.36
N GLY A 187 8.03 13.78 3.30
CA GLY A 187 8.60 14.36 2.10
C GLY A 187 9.26 13.37 1.17
N TRP A 188 9.23 12.08 1.55
CA TRP A 188 9.97 11.03 0.86
C TRP A 188 9.01 9.96 0.39
N LEU A 189 8.39 9.22 1.32
CA LEU A 189 7.42 8.20 0.98
C LEU A 189 5.96 8.70 1.12
N GLY A 190 5.77 9.71 1.96
CA GLY A 190 4.54 10.48 2.02
C GLY A 190 3.64 10.21 3.21
N THR A 191 2.56 10.98 3.28
CA THR A 191 1.58 10.89 4.36
C THR A 191 0.69 9.63 4.32
N LYS A 192 0.26 9.21 3.13
CA LYS A 192 -0.53 7.99 2.99
C LYS A 192 0.26 6.76 3.42
N VAL A 193 1.50 6.65 2.93
CA VAL A 193 2.39 5.56 3.35
C VAL A 193 2.55 5.56 4.88
N ARG A 194 2.88 6.72 5.45
CA ARG A 194 3.14 6.89 6.90
C ARG A 194 1.89 6.51 7.70
N THR A 195 0.72 7.00 7.30
CA THR A 195 -0.51 6.69 8.03
C THR A 195 -0.78 5.16 8.04
N ASN A 196 -0.57 4.52 6.88
CA ASN A 196 -0.79 3.10 6.76
C ASN A 196 0.19 2.29 7.58
N LEU A 197 1.48 2.67 7.52
CA LEU A 197 2.51 2.02 8.29
C LEU A 197 2.16 2.01 9.79
N ARG A 198 1.66 3.14 10.30
CA ARG A 198 1.41 3.34 11.75
C ARG A 198 0.10 2.64 12.19
N ARG A 199 -0.73 2.19 11.24
CA ARG A 199 -1.92 1.33 11.48
C ARG A 199 -1.53 -0.15 11.62
N GLU A 200 -0.32 -0.51 11.21
CA GLU A 200 0.17 -1.87 11.41
C GLU A 200 0.49 -2.04 12.89
N PRO A 201 0.63 -3.28 13.40
CA PRO A 201 0.97 -3.48 14.80
C PRO A 201 2.35 -2.91 15.13
N PHE A 202 2.66 -2.81 16.43
CA PHE A 202 4.02 -2.58 16.90
C PHE A 202 4.41 -3.80 17.74
N TYR A 203 5.71 -3.98 17.96
CA TYR A 203 6.30 -5.17 18.61
C TYR A 203 7.15 -4.76 19.81
N LEU A 204 7.17 -5.64 20.81
CA LEU A 204 7.99 -5.49 22.00
C LEU A 204 8.80 -6.75 22.14
N VAL A 205 10.10 -6.59 22.33
CA VAL A 205 11.02 -7.72 22.49
C VAL A 205 11.69 -7.59 23.85
N PRO A 206 12.09 -8.70 24.52
CA PRO A 206 12.80 -8.60 25.80
C PRO A 206 14.11 -7.79 25.77
N LYS A 207 14.26 -6.75 26.60
CA LYS A 207 15.54 -6.07 26.83
C LYS A 207 16.64 -7.04 27.33
N ASN A 208 16.36 -7.75 28.43
CA ASN A 208 17.23 -8.83 28.91
C ASN A 208 18.71 -8.46 29.06
N ALA A 209 18.96 -7.30 29.68
CA ALA A 209 20.28 -6.87 30.13
C ALA A 209 20.46 -7.32 31.57
N LYS A 210 21.70 -7.56 31.99
CA LYS A 210 22.02 -7.77 33.40
C LYS A 210 22.72 -6.52 34.01
N ASP A 211 22.22 -5.34 33.66
CA ASP A 211 22.74 -4.05 34.16
C ASP A 211 22.65 -3.91 35.68
N GLY A 212 21.55 -4.41 36.24
CA GLY A 212 21.32 -4.42 37.67
C GLY A 212 20.60 -3.15 38.12
N ASN A 213 19.88 -2.53 37.16
CA ASN A 213 18.90 -1.48 37.42
C ASN A 213 17.56 -2.10 37.76
N SER A 214 16.71 -1.33 38.45
CA SER A 214 15.38 -1.79 38.83
C SER A 214 14.55 -2.17 37.58
N PHE A 215 13.57 -3.06 37.80
CA PHE A 215 12.65 -3.59 36.77
C PHE A 215 13.36 -4.20 35.54
N GLN A 216 14.62 -4.59 35.68
CA GLN A 216 15.48 -5.04 34.57
C GLN A 216 14.86 -6.24 33.81
N GLY A 217 14.61 -7.30 34.55
CA GLY A 217 14.04 -8.51 34.01
C GLY A 217 12.63 -8.42 33.44
N GLU A 218 11.91 -7.35 33.76
CA GLU A 218 10.53 -7.13 33.31
C GLU A 218 10.44 -6.10 32.16
N THR A 219 11.58 -5.60 31.69
CA THR A 219 11.63 -4.53 30.70
C THR A 219 11.59 -5.09 29.26
N TRP A 220 10.80 -4.46 28.40
CA TRP A 220 10.72 -4.79 26.98
C TRP A 220 11.11 -3.56 26.17
N ARG A 221 11.53 -3.78 24.92
CA ARG A 221 11.96 -2.72 23.95
C ARG A 221 11.09 -2.79 22.70
N LEU A 222 10.73 -1.63 22.14
CA LEU A 222 9.95 -1.55 20.92
C LEU A 222 10.78 -2.04 19.76
N SER A 223 10.15 -2.77 18.82
CA SER A 223 10.75 -3.18 17.55
C SER A 223 9.90 -2.75 16.36
N PHE A 224 10.60 -2.34 15.28
CA PHE A 224 10.00 -1.85 14.06
C PHE A 224 10.58 -2.53 12.83
N SER A 225 11.06 -3.76 12.99
CA SER A 225 11.66 -4.52 11.91
C SER A 225 10.73 -4.72 10.75
N HIS A 226 9.44 -4.92 11.05
CA HIS A 226 8.44 -5.03 9.99
C HIS A 226 8.39 -3.74 9.17
N THR A 227 8.46 -2.58 9.84
CA THR A 227 8.37 -1.31 9.17
C THR A 227 9.65 -1.02 8.38
N GLU A 228 10.79 -1.40 8.97
CA GLU A 228 12.10 -1.24 8.34
C GLU A 228 12.24 -2.09 7.08
N LYS A 229 11.65 -3.29 7.09
CA LYS A 229 11.60 -4.17 5.92
C LYS A 229 10.80 -3.54 4.78
N TYR A 230 9.61 -3.03 5.10
CA TYR A 230 8.76 -2.32 4.10
C TYR A 230 9.57 -1.18 3.48
N ILE A 231 10.26 -0.39 4.30
CA ILE A 231 10.98 0.78 3.80
C ILE A 231 12.10 0.37 2.84
N LEU A 232 12.87 -0.66 3.21
CA LEU A 232 13.97 -1.13 2.40
C LEU A 232 13.46 -1.57 1.02
N ASN A 233 12.29 -2.21 0.99
CA ASN A 233 11.74 -2.72 -0.24
C ASN A 233 10.78 -1.80 -0.97
N ASN A 234 10.53 -0.62 -0.40
CA ASN A 234 9.71 0.43 -0.99
C ASN A 234 10.33 1.78 -0.68
N HIS A 235 11.57 1.94 -1.15
CA HIS A 235 12.49 2.96 -0.65
C HIS A 235 12.58 4.26 -1.46
N GLY A 236 11.83 4.35 -2.56
CA GLY A 236 11.90 5.46 -3.51
C GLY A 236 10.77 6.46 -3.35
N ILE A 237 11.00 7.71 -3.79
CA ILE A 237 9.92 8.67 -3.90
C ILE A 237 9.03 8.30 -5.09
N GLU A 238 9.65 7.82 -6.17
CA GLU A 238 8.91 7.28 -7.30
C GLU A 238 8.53 5.81 -7.05
N LYS A 239 7.28 5.48 -7.36
CA LYS A 239 6.74 4.15 -7.21
C LYS A 239 7.51 3.08 -7.99
N THR A 240 8.18 3.50 -9.08
CA THR A 240 8.89 2.55 -9.91
C THR A 240 10.37 2.41 -9.59
N CYS A 241 10.88 3.11 -8.58
CA CYS A 241 12.29 3.00 -8.19
C CYS A 241 12.69 1.51 -8.13
N CYS A 242 13.74 1.15 -8.87
CA CYS A 242 14.33 -0.20 -8.87
C CYS A 242 13.45 -1.34 -9.41
N GLU A 243 12.32 -0.99 -10.05
CA GLU A 243 11.41 -1.94 -10.66
C GLU A 243 11.79 -2.14 -12.11
N SER A 244 11.18 -3.15 -12.72
CA SER A 244 11.49 -3.56 -14.08
C SER A 244 11.11 -2.51 -15.13
N SER A 245 10.21 -1.59 -14.81
CA SER A 245 9.85 -0.48 -15.71
C SER A 245 10.21 0.88 -15.11
N GLY A 246 11.22 0.88 -14.24
CA GLY A 246 11.72 2.09 -13.63
C GLY A 246 13.23 2.20 -13.71
N ALA A 247 13.75 3.16 -12.94
CA ALA A 247 15.16 3.48 -12.90
C ALA A 247 15.72 2.90 -11.62
N LYS A 248 16.91 2.33 -11.75
CA LYS A 248 17.64 1.78 -10.64
C LYS A 248 18.23 2.94 -9.83
N CYS A 249 18.24 2.81 -8.50
CA CYS A 249 18.95 3.72 -7.60
C CYS A 249 20.05 2.95 -6.89
N CYS A 250 20.91 3.67 -6.15
CA CYS A 250 22.01 3.07 -5.42
C CYS A 250 21.85 3.13 -3.90
N ARG A 251 20.63 3.28 -3.40
CA ARG A 251 20.35 3.40 -1.95
C ARG A 251 20.82 2.15 -1.21
N LYS A 252 20.42 0.96 -1.69
CA LYS A 252 20.77 -0.28 -0.99
C LYS A 252 22.26 -0.60 -1.11
N GLU A 253 22.85 -0.19 -2.24
CA GLU A 253 24.26 -0.40 -2.50
C GLU A 253 25.11 0.44 -1.54
N CYS A 254 24.65 1.67 -1.24
CA CYS A 254 25.32 2.49 -0.24
C CYS A 254 25.24 1.87 1.12
N LEU A 255 24.05 1.34 1.48
CA LEU A 255 23.88 0.62 2.74
C LEU A 255 24.85 -0.55 2.83
N LYS A 256 24.96 -1.34 1.76
CA LYS A 256 25.87 -2.50 1.75
C LYS A 256 27.32 -2.12 2.01
N LEU A 257 27.75 -1.02 1.37
CA LEU A 257 29.14 -0.57 1.47
C LEU A 257 29.45 -0.10 2.89
N MET A 258 28.49 0.61 3.50
CA MET A 258 28.62 1.11 4.86
C MET A 258 28.59 -0.04 5.87
N LYS A 259 27.70 -1.01 5.62
CA LYS A 259 27.65 -2.23 6.42
C LYS A 259 29.00 -2.95 6.42
N TYR A 260 29.64 -3.01 5.25
CA TYR A 260 30.91 -3.74 5.02
C TYR A 260 32.07 -3.05 5.74
N LEU A 261 32.19 -1.72 5.60
CA LEU A 261 33.18 -0.93 6.31
C LEU A 261 33.12 -1.22 7.82
N LEU A 262 31.92 -1.18 8.39
CA LEU A 262 31.76 -1.45 9.83
C LEU A 262 32.11 -2.91 10.18
N GLU A 263 31.59 -3.87 9.41
CA GLU A 263 31.92 -5.29 9.58
C GLU A 263 33.43 -5.55 9.60
N GLN A 264 34.14 -5.00 8.60
CA GLN A 264 35.57 -5.20 8.47
C GLN A 264 36.32 -4.61 9.64
N LEU A 265 35.91 -3.40 10.04
CA LEU A 265 36.54 -2.70 11.15
C LEU A 265 36.30 -3.42 12.46
N LYS A 266 35.08 -3.94 12.64
CA LYS A 266 34.68 -4.66 13.83
C LYS A 266 35.44 -5.99 14.02
N LYS A 267 35.74 -6.69 12.92
CA LYS A 267 36.54 -7.92 12.96
C LYS A 267 37.94 -7.70 13.54
N GLU A 268 38.53 -6.54 13.23
CA GLU A 268 39.91 -6.21 13.57
C GLU A 268 40.07 -5.52 14.91
N PHE A 269 39.09 -4.68 15.30
CA PHE A 269 39.24 -3.81 16.47
C PHE A 269 38.15 -4.01 17.51
N GLN A 270 38.57 -4.50 18.68
CA GLN A 270 37.72 -4.73 19.85
C GLN A 270 37.14 -3.42 20.38
N GLU A 271 37.89 -2.33 20.18
CA GLU A 271 37.44 -0.98 20.51
C GLU A 271 36.07 -0.66 19.91
N LEU A 272 35.70 -1.35 18.82
CA LEU A 272 34.45 -1.13 18.13
C LEU A 272 33.30 -2.07 18.53
N ASP A 273 33.43 -2.71 19.70
CA ASP A 273 32.43 -3.66 20.18
C ASP A 273 31.05 -3.04 20.44
N ALA A 274 31.03 -1.75 20.83
CA ALA A 274 29.78 -1.05 21.10
C ALA A 274 28.96 -0.69 19.86
N PHE A 275 29.56 -0.81 18.66
CA PHE A 275 28.89 -0.45 17.42
C PHE A 275 28.30 -1.68 16.73
N CYS A 276 27.15 -1.46 16.07
CA CYS A 276 26.44 -2.51 15.34
C CYS A 276 25.85 -1.99 14.04
N SER A 277 25.39 -2.92 13.20
CA SER A 277 24.88 -2.60 11.88
C SER A 277 23.66 -1.69 11.95
N TYR A 278 22.89 -1.76 13.04
CA TYR A 278 21.67 -0.95 13.25
C TYR A 278 22.04 0.53 13.30
N HIS A 279 23.26 0.86 13.74
CA HIS A 279 23.72 2.25 13.72
C HIS A 279 23.79 2.79 12.31
N VAL A 280 24.27 1.98 11.37
CA VAL A 280 24.41 2.44 9.98
C VAL A 280 23.07 2.46 9.29
N LYS A 281 22.21 1.48 9.61
CA LYS A 281 20.84 1.44 9.09
C LYS A 281 20.07 2.69 9.50
N THR A 282 20.19 3.05 10.78
CA THR A 282 19.57 4.23 11.34
C THR A 282 20.10 5.48 10.61
N ALA A 283 21.44 5.59 10.50
CA ALA A 283 22.07 6.72 9.83
C ALA A 283 21.54 6.94 8.39
N ILE A 284 21.40 5.85 7.64
CA ILE A 284 21.01 5.92 6.24
C ILE A 284 19.50 6.20 6.08
N PHE A 285 18.68 5.81 7.06
CA PHE A 285 17.26 6.18 7.05
C PHE A 285 17.16 7.71 7.12
N HIS A 286 18.01 8.32 7.97
CA HIS A 286 18.07 9.77 8.09
C HIS A 286 18.56 10.43 6.80
N MET A 287 19.59 9.86 6.18
CA MET A 287 20.11 10.35 4.90
C MET A 287 19.07 10.27 3.80
N TRP A 288 18.33 9.16 3.73
CA TRP A 288 17.29 8.98 2.72
C TRP A 288 16.12 9.98 2.88
N THR A 289 15.90 10.43 4.12
CA THR A 289 14.90 11.44 4.46
C THR A 289 15.38 12.83 4.06
N GLN A 290 16.65 13.08 4.34
CA GLN A 290 17.29 14.32 4.01
C GLN A 290 17.44 14.53 2.49
N ASP A 291 17.69 13.44 1.75
CA ASP A 291 17.80 13.45 0.29
C ASP A 291 16.71 12.57 -0.30
N PRO A 292 15.45 13.05 -0.36
CA PRO A 292 14.32 12.20 -0.72
C PRO A 292 14.27 11.78 -2.20
N GLN A 293 14.81 12.60 -3.10
CA GLN A 293 14.71 12.39 -4.54
C GLN A 293 15.55 11.18 -4.99
N ASP A 294 14.95 10.35 -5.85
CA ASP A 294 15.64 9.19 -6.45
C ASP A 294 16.88 9.62 -7.24
N SER A 295 16.83 10.84 -7.80
CA SER A 295 17.91 11.39 -8.58
C SER A 295 19.11 11.79 -7.74
N GLN A 296 18.92 11.94 -6.42
CA GLN A 296 20.05 12.15 -5.52
C GLN A 296 20.77 10.84 -5.21
N TRP A 297 20.26 9.72 -5.74
CA TRP A 297 20.83 8.38 -5.51
C TRP A 297 20.95 7.63 -6.84
N ASP A 298 21.38 8.38 -7.85
CA ASP A 298 21.74 7.87 -9.15
C ASP A 298 22.91 6.88 -9.02
N PRO A 299 22.82 5.70 -9.67
CA PRO A 299 23.92 4.74 -9.71
C PRO A 299 25.28 5.31 -10.14
N ARG A 300 25.28 6.19 -11.14
CA ARG A 300 26.50 6.86 -11.65
C ARG A 300 27.15 7.67 -10.53
N ASN A 301 26.41 8.09 -9.50
CA ASN A 301 26.96 8.81 -8.34
C ASN A 301 27.21 8.00 -7.05
N LEU A 302 27.46 6.70 -7.20
CA LEU A 302 27.70 5.78 -6.06
C LEU A 302 28.78 6.31 -5.11
N SER A 303 29.91 6.78 -5.66
CA SER A 303 31.01 7.32 -4.85
C SER A 303 30.58 8.49 -3.99
N SER A 304 30.01 9.51 -4.63
CA SER A 304 29.62 10.71 -3.92
C SER A 304 28.48 10.41 -2.94
N CYS A 305 27.57 9.51 -3.32
CA CYS A 305 26.50 9.08 -2.42
C CYS A 305 27.06 8.37 -1.17
N PHE A 306 27.99 7.45 -1.40
CA PHE A 306 28.63 6.72 -0.31
C PHE A 306 29.45 7.66 0.53
N ASP A 307 30.09 8.64 -0.12
CA ASP A 307 30.87 9.64 0.59
C ASP A 307 30.01 10.50 1.50
N LYS A 308 28.88 11.00 0.99
CA LYS A 308 28.05 11.89 1.77
C LYS A 308 27.52 11.17 3.00
N LEU A 309 27.29 9.86 2.89
CA LEU A 309 26.83 9.02 3.99
C LEU A 309 27.90 8.90 5.10
N LEU A 310 29.17 8.70 4.70
CA LEU A 310 30.27 8.64 5.65
C LEU A 310 30.40 9.94 6.42
N ALA A 311 30.25 11.07 5.70
CA ALA A 311 30.36 12.39 6.30
C ALA A 311 29.27 12.54 7.35
N PHE A 312 28.05 12.12 6.98
CA PHE A 312 26.91 12.19 7.89
C PHE A 312 27.20 11.38 9.15
N PHE A 313 27.66 10.13 8.95
CA PHE A 313 27.97 9.21 10.04
C PHE A 313 29.05 9.80 10.95
N LEU A 314 30.05 10.44 10.34
CA LEU A 314 31.11 11.10 11.09
C LEU A 314 30.60 12.24 11.95
N GLU A 315 29.64 13.01 11.41
CA GLU A 315 29.06 14.14 12.13
C GLU A 315 28.28 13.60 13.34
N CYS A 316 27.55 12.51 13.11
CA CYS A 316 26.84 11.81 14.18
C CYS A 316 27.79 11.37 15.30
N LEU A 317 28.96 10.81 14.94
CA LEU A 317 29.94 10.35 15.93
C LEU A 317 30.54 11.49 16.75
N ARG A 318 30.92 12.56 16.03
CA ARG A 318 31.66 13.73 16.61
C ARG A 318 30.71 14.53 17.51
N THR A 319 29.45 14.70 17.11
CA THR A 319 28.47 15.40 17.94
C THR A 319 27.69 14.48 18.88
N GLU A 320 28.07 13.19 18.93
CA GLU A 320 27.47 12.23 19.84
C GLU A 320 25.94 12.18 19.74
N LYS A 321 25.44 12.11 18.50
CA LYS A 321 24.03 12.31 18.21
C LYS A 321 23.56 11.45 17.03
N LEU A 322 22.80 10.39 17.33
CA LEU A 322 22.18 9.52 16.34
C LEU A 322 20.82 9.06 16.86
N ASP A 323 19.76 9.80 16.52
CA ASP A 323 18.41 9.51 17.00
C ASP A 323 17.82 8.31 16.33
N HIS A 324 17.32 7.36 17.13
CA HIS A 324 16.47 6.30 16.64
C HIS A 324 15.43 6.91 15.70
N TYR A 325 15.25 6.30 14.52
CA TYR A 325 14.41 6.84 13.41
C TYR A 325 12.93 6.87 13.81
N PHE A 326 12.52 6.00 14.75
CA PHE A 326 11.13 5.83 15.16
C PHE A 326 10.82 6.47 16.50
N ILE A 327 11.88 6.74 17.28
CA ILE A 327 11.76 7.22 18.64
C ILE A 327 12.76 8.37 18.81
N PRO A 328 12.41 9.59 18.37
CA PRO A 328 13.38 10.68 18.25
C PRO A 328 14.15 11.04 19.52
N LYS A 329 13.55 10.83 20.71
CA LYS A 329 14.17 11.23 21.97
C LYS A 329 15.26 10.26 22.40
N PHE A 330 15.35 9.11 21.74
CA PHE A 330 16.31 8.07 22.05
C PHE A 330 17.55 8.20 21.19
N ASN A 331 18.63 8.68 21.81
CA ASN A 331 19.93 8.83 21.17
C ASN A 331 20.81 7.58 21.32
N LEU A 332 21.00 6.85 20.22
CA LEU A 332 21.80 5.62 20.18
C LEU A 332 23.28 5.90 20.42
N PHE A 333 23.70 7.15 20.19
CA PHE A 333 25.08 7.59 20.39
C PHE A 333 25.27 8.46 21.62
N SER A 334 24.32 8.43 22.56
CA SER A 334 24.49 9.16 23.82
C SER A 334 25.77 8.68 24.54
N GLN A 335 26.36 9.56 25.35
CA GLN A 335 27.50 9.23 26.21
C GLN A 335 27.19 7.97 27.03
N GLU A 336 25.95 7.88 27.54
CA GLU A 336 25.52 6.82 28.44
C GLU A 336 25.47 5.44 27.79
N LEU A 337 25.53 5.37 26.47
CA LEU A 337 25.50 4.11 25.72
C LEU A 337 26.84 3.73 25.10
N ILE A 338 27.61 4.73 24.67
CA ILE A 338 28.90 4.56 24.02
C ILE A 338 29.79 5.71 24.44
N ASP A 339 30.96 5.40 25.01
CA ASP A 339 31.85 6.49 25.47
C ASP A 339 32.54 7.20 24.29
N ARG A 340 32.90 8.46 24.51
CA ARG A 340 33.52 9.37 23.50
C ARG A 340 34.76 8.67 22.90
N LYS A 341 35.56 8.01 23.74
CA LYS A 341 36.75 7.27 23.31
C LYS A 341 36.48 6.38 22.10
N SER A 342 35.38 5.63 22.18
CA SER A 342 34.97 4.70 21.15
C SER A 342 34.52 5.41 19.88
N LYS A 343 33.83 6.54 20.06
CA LYS A 343 33.34 7.33 18.94
C LYS A 343 34.47 8.01 18.19
N GLU A 344 35.46 8.53 18.93
CA GLU A 344 36.65 9.11 18.32
C GLU A 344 37.51 8.09 17.59
N PHE A 345 37.64 6.89 18.17
CA PHE A 345 38.39 5.81 17.52
C PHE A 345 37.78 5.47 16.15
N LEU A 346 36.47 5.21 16.13
CA LEU A 346 35.76 4.89 14.91
C LEU A 346 35.83 6.05 13.90
N SER A 347 35.83 7.28 14.43
CA SER A 347 35.90 8.50 13.62
C SER A 347 37.21 8.57 12.84
N LYS A 348 38.32 8.37 13.56
CA LYS A 348 39.64 8.39 12.94
C LYS A 348 39.75 7.29 11.89
N LYS A 349 39.27 6.08 12.19
CA LYS A 349 39.34 4.94 11.27
C LYS A 349 38.56 5.16 9.98
N ILE A 350 37.34 5.73 10.08
CA ILE A 350 36.51 6.05 8.92
C ILE A 350 37.19 7.11 8.07
N GLU A 351 37.63 8.20 8.72
CA GLU A 351 38.38 9.29 8.05
C GLU A 351 39.59 8.75 7.29
N TYR A 352 40.32 7.82 7.91
CA TYR A 352 41.54 7.20 7.33
C TYR A 352 41.18 6.45 6.04
N GLU A 353 40.21 5.52 6.11
CA GLU A 353 39.78 4.76 4.94
C GLU A 353 39.35 5.71 3.83
N ARG A 354 38.51 6.67 4.19
CA ARG A 354 37.94 7.71 3.30
C ARG A 354 39.06 8.42 2.52
N ASN A 355 40.20 8.68 3.16
CA ASN A 355 41.25 9.54 2.61
C ASN A 355 42.45 8.80 2.03
N ASN A 356 42.36 7.47 1.96
CA ASN A 356 43.43 6.61 1.45
C ASN A 356 42.89 5.49 0.56
N GLY A 357 41.77 5.76 -0.11
CA GLY A 357 41.12 4.85 -1.04
C GLY A 357 40.62 3.53 -0.50
N PHE A 358 40.05 3.55 0.71
CA PHE A 358 39.42 2.36 1.34
C PHE A 358 40.26 1.09 1.28
N PRO A 359 41.47 1.08 1.90
CA PRO A 359 42.31 -0.11 1.95
C PRO A 359 41.55 -1.33 2.46
N ILE A 360 40.67 -1.15 3.45
CA ILE A 360 40.02 -2.26 4.14
C ILE A 360 39.06 -3.05 3.24
N PHE A 361 38.63 -2.43 2.13
CA PHE A 361 37.84 -3.14 1.10
C PHE A 361 38.65 -4.22 0.37
N ASP A 362 39.97 -4.08 0.35
CA ASP A 362 40.87 -5.02 -0.33
C ASP A 362 41.18 -6.30 0.48
N LYS A 363 40.52 -6.48 1.63
CA LYS A 363 40.76 -7.61 2.50
C LYS A 363 39.65 -8.66 2.35
N ASP B 5 -5.63 31.05 -16.99
CA ASP B 5 -6.41 31.96 -16.09
C ASP B 5 -7.92 31.80 -16.30
N LYS B 6 -8.34 31.75 -17.57
CA LYS B 6 -9.69 31.39 -17.94
C LYS B 6 -10.10 30.04 -17.34
N LEU B 7 -9.24 29.05 -17.50
CA LEU B 7 -9.47 27.71 -17.02
C LEU B 7 -9.55 27.64 -15.48
N LYS B 8 -8.72 28.44 -14.80
CA LYS B 8 -8.72 28.51 -13.34
C LYS B 8 -10.07 28.99 -12.84
N LYS B 9 -10.63 29.99 -13.54
CA LYS B 9 -11.90 30.60 -13.18
C LYS B 9 -13.09 29.71 -13.55
N VAL B 10 -12.91 28.85 -14.55
CA VAL B 10 -13.90 27.81 -14.87
C VAL B 10 -13.93 26.81 -13.72
N LEU B 11 -12.75 26.35 -13.28
CA LEU B 11 -12.63 25.42 -12.16
C LEU B 11 -13.19 25.97 -10.85
N ASP B 12 -13.07 27.29 -10.65
CA ASP B 12 -13.74 27.99 -9.56
C ASP B 12 -15.27 27.88 -9.63
N LYS B 13 -15.84 28.08 -10.82
CA LYS B 13 -17.27 27.86 -11.04
C LYS B 13 -17.63 26.39 -10.73
N LEU B 14 -16.80 25.46 -11.20
CA LEU B 14 -17.06 24.02 -11.08
C LEU B 14 -16.93 23.46 -9.66
N ARG B 15 -16.17 24.14 -8.81
CA ARG B 15 -15.83 23.71 -7.43
C ARG B 15 -17.11 23.58 -6.60
N LEU B 16 -17.27 22.46 -5.88
CA LEU B 16 -18.39 22.25 -4.98
C LEU B 16 -18.22 23.11 -3.74
N LYS B 17 -19.35 23.49 -3.15
CA LYS B 17 -19.40 24.22 -1.88
C LYS B 17 -19.48 23.25 -0.69
N ARG B 18 -18.74 23.55 0.38
CA ARG B 18 -18.70 22.74 1.62
C ARG B 18 -20.10 22.59 2.22
N LYS B 19 -20.86 23.69 2.26
CA LYS B 19 -22.22 23.71 2.76
C LYS B 19 -23.10 22.75 1.96
N ASP B 20 -22.98 22.79 0.62
CA ASP B 20 -23.75 21.93 -0.28
C ASP B 20 -23.41 20.44 -0.12
N ILE B 21 -22.11 20.14 0.02
CA ILE B 21 -21.61 18.79 0.26
C ILE B 21 -22.21 18.20 1.54
N SER B 22 -22.21 19.01 2.60
CA SER B 22 -22.68 18.61 3.93
C SER B 22 -24.18 18.22 3.94
N GLU B 23 -25.00 19.11 3.37
CA GLU B 23 -26.44 18.89 3.26
C GLU B 23 -26.80 17.66 2.39
N ALA B 24 -26.18 17.56 1.21
CA ALA B 24 -26.41 16.44 0.30
C ALA B 24 -26.03 15.11 0.93
N ALA B 25 -24.81 15.05 1.49
CA ALA B 25 -24.28 13.83 2.12
C ALA B 25 -25.14 13.31 3.29
N GLU B 26 -25.65 14.21 4.12
CA GLU B 26 -26.40 13.78 5.28
C GLU B 26 -27.68 13.05 4.87
N THR B 27 -28.35 13.58 3.84
CA THR B 27 -29.56 12.97 3.28
C THR B 27 -29.26 11.66 2.53
N VAL B 28 -28.24 11.68 1.68
CA VAL B 28 -27.86 10.50 0.93
C VAL B 28 -27.50 9.35 1.89
N ASN B 29 -26.76 9.68 2.95
CA ASN B 29 -26.31 8.68 3.92
C ASN B 29 -27.44 8.08 4.73
N LYS B 30 -28.43 8.90 5.10
CA LYS B 30 -29.64 8.39 5.75
C LYS B 30 -30.30 7.30 4.89
N VAL B 31 -30.62 7.67 3.66
CA VAL B 31 -31.34 6.80 2.74
C VAL B 31 -30.53 5.53 2.50
N VAL B 32 -29.26 5.69 2.13
CA VAL B 32 -28.36 4.57 1.84
C VAL B 32 -28.22 3.60 3.01
N GLU B 33 -28.07 4.14 4.23
CA GLU B 33 -27.89 3.32 5.44
C GLU B 33 -29.14 2.47 5.73
N ARG B 34 -30.31 3.08 5.52
CA ARG B 34 -31.63 2.42 5.71
C ARG B 34 -31.80 1.31 4.66
N LEU B 35 -31.46 1.58 3.41
CA LEU B 35 -31.58 0.58 2.36
C LEU B 35 -30.68 -0.59 2.63
N LEU B 36 -29.47 -0.28 3.11
CA LEU B 36 -28.46 -1.29 3.41
C LEU B 36 -28.90 -2.18 4.56
N ARG B 37 -29.47 -1.58 5.61
CA ARG B 37 -29.98 -2.30 6.81
C ARG B 37 -31.14 -3.22 6.39
N ARG B 38 -32.01 -2.76 5.49
CA ARG B 38 -33.16 -3.56 4.98
C ARG B 38 -32.61 -4.82 4.28
N MET B 39 -31.54 -4.70 3.50
CA MET B 39 -30.94 -5.86 2.81
C MET B 39 -30.42 -6.98 3.74
N GLN B 40 -30.14 -6.63 5.01
CA GLN B 40 -29.58 -7.57 6.00
C GLN B 40 -30.62 -8.42 6.71
N LYS B 41 -31.87 -7.94 6.76
CA LYS B 41 -32.91 -8.59 7.54
C LYS B 41 -33.40 -9.90 6.92
N ARG B 42 -34.13 -10.69 7.73
CA ARG B 42 -35.04 -11.79 7.30
C ARG B 42 -34.23 -12.84 6.52
N GLU B 43 -34.90 -13.54 5.59
CA GLU B 43 -34.26 -14.35 4.56
C GLU B 43 -34.21 -13.54 3.27
N SER B 44 -33.71 -12.31 3.37
CA SER B 44 -33.26 -11.53 2.23
C SER B 44 -32.15 -12.35 1.57
N GLU B 45 -32.24 -12.52 0.25
CA GLU B 45 -31.23 -13.19 -0.57
C GLU B 45 -29.92 -12.41 -0.60
N PHE B 46 -30.00 -11.11 -0.29
CA PHE B 46 -28.87 -10.21 -0.33
C PHE B 46 -28.27 -9.93 1.04
N LYS B 47 -28.63 -10.74 2.04
CA LYS B 47 -28.04 -10.63 3.36
C LYS B 47 -26.54 -10.86 3.20
N GLY B 48 -25.76 -9.99 3.84
CA GLY B 48 -24.30 -10.01 3.74
C GLY B 48 -23.76 -9.00 2.75
N VAL B 49 -24.66 -8.30 2.06
CA VAL B 49 -24.29 -7.31 1.08
C VAL B 49 -23.57 -6.17 1.80
N GLU B 50 -22.46 -5.69 1.22
CA GLU B 50 -21.63 -4.64 1.81
C GLU B 50 -21.54 -3.44 0.89
N GLN B 51 -21.29 -2.27 1.47
CA GLN B 51 -21.29 -1.01 0.76
C GLN B 51 -19.89 -0.65 0.23
N LEU B 52 -19.84 0.02 -0.92
CA LEU B 52 -18.62 0.48 -1.55
C LEU B 52 -19.01 1.69 -2.37
N ASN B 53 -18.58 2.87 -1.94
CA ASN B 53 -18.91 4.10 -2.62
C ASN B 53 -17.97 4.33 -3.80
N THR B 54 -18.55 4.60 -4.97
CA THR B 54 -17.79 4.73 -6.20
C THR B 54 -18.09 6.05 -6.92
N GLY B 55 -17.32 6.31 -7.97
CA GLY B 55 -17.64 7.40 -8.90
C GLY B 55 -17.14 8.77 -8.47
N SER B 56 -17.60 9.78 -9.19
CA SER B 56 -16.92 11.08 -9.21
C SER B 56 -16.88 11.76 -7.85
N TYR B 57 -17.98 11.69 -7.08
CA TYR B 57 -18.07 12.36 -5.76
C TYR B 57 -17.00 11.80 -4.81
N TYR B 58 -16.83 10.48 -4.78
CA TYR B 58 -15.92 9.75 -3.86
C TYR B 58 -14.48 9.77 -4.40
N GLU B 59 -14.29 10.05 -5.69
CA GLU B 59 -12.97 10.28 -6.30
C GLU B 59 -12.54 11.75 -6.26
N HIS B 60 -13.41 12.61 -5.72
CA HIS B 60 -13.20 14.06 -5.70
C HIS B 60 -13.03 14.70 -7.08
N VAL B 61 -13.79 14.22 -8.07
CA VAL B 61 -13.84 14.86 -9.38
C VAL B 61 -15.27 15.25 -9.83
N LYS B 62 -16.20 15.25 -8.87
CA LYS B 62 -17.54 15.70 -9.14
C LYS B 62 -17.48 17.18 -9.42
N ILE B 63 -18.21 17.64 -10.43
CA ILE B 63 -18.26 19.06 -10.80
C ILE B 63 -19.65 19.69 -10.56
N SER B 64 -19.65 21.01 -10.34
CA SER B 64 -20.85 21.88 -10.33
C SER B 64 -21.71 21.83 -9.06
N ALA B 65 -22.12 20.62 -8.65
CA ALA B 65 -22.93 20.42 -7.45
C ALA B 65 -22.85 18.98 -6.97
N PRO B 66 -23.06 18.72 -5.67
CA PRO B 66 -23.09 17.36 -5.13
C PRO B 66 -24.47 16.72 -5.33
N ASN B 67 -24.80 16.37 -6.58
CA ASN B 67 -26.13 15.93 -6.95
C ASN B 67 -26.20 14.54 -7.60
N GLU B 68 -25.08 13.84 -7.70
CA GLU B 68 -25.06 12.49 -8.25
C GLU B 68 -24.03 11.64 -7.49
N PHE B 69 -24.53 10.56 -6.87
CA PHE B 69 -23.78 9.69 -6.00
C PHE B 69 -23.98 8.27 -6.51
N ASP B 70 -22.89 7.48 -6.50
CA ASP B 70 -22.93 6.11 -6.99
C ASP B 70 -22.43 5.20 -5.88
N VAL B 71 -23.25 4.18 -5.56
CA VAL B 71 -22.97 3.28 -4.45
C VAL B 71 -23.18 1.85 -4.90
N MET B 72 -22.17 1.01 -4.65
CA MET B 72 -22.22 -0.40 -4.93
C MET B 72 -22.64 -1.13 -3.65
N PHE B 73 -23.63 -2.02 -3.79
CA PHE B 73 -24.00 -2.99 -2.76
C PHE B 73 -23.47 -4.33 -3.25
N LYS B 74 -22.29 -4.72 -2.76
CA LYS B 74 -21.57 -5.89 -3.28
C LYS B 74 -21.78 -7.13 -2.41
N LEU B 75 -21.97 -8.28 -3.07
CA LEU B 75 -22.29 -9.52 -2.40
C LEU B 75 -21.27 -10.56 -2.83
N GLU B 76 -20.56 -11.13 -1.86
CA GLU B 76 -19.54 -12.16 -2.12
C GLU B 76 -20.26 -13.45 -2.47
N VAL B 77 -19.78 -14.13 -3.51
CA VAL B 77 -20.45 -15.33 -4.01
C VAL B 77 -19.53 -16.56 -4.11
N PRO B 78 -20.00 -17.77 -3.71
CA PRO B 78 -19.10 -18.89 -3.44
C PRO B 78 -18.21 -19.31 -4.64
N ARG B 79 -18.65 -20.28 -5.45
CA ARG B 79 -17.80 -21.11 -6.36
C ARG B 79 -18.07 -20.73 -7.82
N ILE B 80 -18.02 -19.43 -8.14
CA ILE B 80 -18.52 -18.95 -9.42
C ILE B 80 -17.58 -19.26 -10.57
N GLU B 81 -18.13 -19.82 -11.63
CA GLU B 81 -17.45 -20.09 -12.89
C GLU B 81 -18.03 -19.13 -13.93
N LEU B 82 -17.12 -18.35 -14.55
CA LEU B 82 -17.48 -17.40 -15.57
C LEU B 82 -17.28 -17.98 -16.95
N GLN B 83 -18.09 -17.53 -17.90
CA GLN B 83 -17.99 -17.90 -19.29
C GLN B 83 -18.20 -16.63 -20.09
N GLU B 84 -17.17 -16.23 -20.84
CA GLU B 84 -17.19 -14.98 -21.59
C GLU B 84 -18.21 -15.07 -22.70
N TYR B 85 -19.08 -14.06 -22.78
CA TYR B 85 -20.14 -13.90 -23.80
C TYR B 85 -19.47 -13.47 -25.11
N TYR B 86 -19.30 -14.40 -26.06
CA TYR B 86 -18.84 -14.20 -27.45
C TYR B 86 -17.69 -13.18 -27.52
N GLU B 87 -16.60 -13.46 -26.84
CA GLU B 87 -15.35 -12.71 -26.97
C GLU B 87 -15.47 -11.17 -26.87
N THR B 88 -16.47 -10.69 -26.12
CA THR B 88 -16.68 -9.25 -25.88
C THR B 88 -15.67 -8.66 -24.88
N GLY B 89 -15.13 -9.51 -24.00
CA GLY B 89 -14.15 -9.13 -23.01
C GLY B 89 -14.79 -8.75 -21.69
N ALA B 90 -15.80 -7.88 -21.78
CA ALA B 90 -16.48 -7.28 -20.64
C ALA B 90 -17.69 -8.03 -20.09
N PHE B 91 -18.35 -8.84 -20.94
CA PHE B 91 -19.61 -9.50 -20.61
C PHE B 91 -19.46 -11.01 -20.42
N TYR B 92 -20.21 -11.55 -19.46
CA TYR B 92 -20.04 -12.93 -18.91
C TYR B 92 -21.38 -13.51 -18.47
N LEU B 93 -21.50 -14.84 -18.60
CA LEU B 93 -22.51 -15.64 -17.92
C LEU B 93 -21.88 -16.18 -16.64
N VAL B 94 -22.69 -16.31 -15.59
CA VAL B 94 -22.23 -16.73 -14.28
C VAL B 94 -22.96 -18.02 -13.91
N LYS B 95 -22.19 -19.08 -13.66
CA LYS B 95 -22.71 -20.36 -13.22
C LYS B 95 -22.05 -20.76 -11.90
N PHE B 96 -22.55 -21.81 -11.26
CA PHE B 96 -21.96 -22.39 -10.05
C PHE B 96 -21.47 -23.82 -10.34
N PRO B 104 -29.98 -20.07 -0.47
CA PRO B 104 -29.23 -18.84 -0.75
C PRO B 104 -29.81 -18.12 -1.98
N LEU B 105 -29.00 -17.88 -3.01
CA LEU B 105 -29.41 -17.27 -4.28
C LEU B 105 -30.15 -18.23 -5.25
N SER B 106 -30.43 -19.44 -4.78
CA SER B 106 -30.97 -20.53 -5.62
C SER B 106 -32.07 -20.05 -6.57
N HIS B 107 -32.95 -19.18 -6.06
CA HIS B 107 -34.14 -18.77 -6.81
C HIS B 107 -33.87 -17.74 -7.93
N PHE B 108 -32.58 -17.48 -8.24
CA PHE B 108 -32.19 -16.70 -9.42
C PHE B 108 -31.53 -17.51 -10.53
N VAL B 113 -27.46 -21.20 -14.40
CA VAL B 113 -27.06 -19.85 -14.76
C VAL B 113 -27.74 -18.78 -13.90
N LEU B 114 -26.91 -17.95 -13.26
CA LEU B 114 -27.36 -16.85 -12.41
C LEU B 114 -27.84 -15.68 -13.27
N SER B 115 -29.17 -15.51 -13.32
CA SER B 115 -29.81 -14.45 -14.10
C SER B 115 -29.61 -13.06 -13.49
N ALA B 116 -28.93 -12.19 -14.24
CA ALA B 116 -28.79 -10.78 -13.89
C ALA B 116 -30.12 -10.07 -13.68
N THR B 117 -31.03 -10.16 -14.68
CA THR B 117 -32.33 -9.48 -14.59
C THR B 117 -33.21 -9.98 -13.44
N LYS B 118 -33.27 -11.30 -13.24
CA LYS B 118 -34.05 -11.87 -12.13
C LYS B 118 -33.50 -11.38 -10.79
N MET B 119 -32.18 -11.39 -10.65
CA MET B 119 -31.53 -10.95 -9.43
C MET B 119 -31.73 -9.44 -9.19
N LEU B 120 -31.51 -8.65 -10.23
CA LEU B 120 -31.74 -7.21 -10.18
C LEU B 120 -33.20 -6.85 -9.90
N SER B 121 -34.15 -7.63 -10.46
CA SER B 121 -35.56 -7.36 -10.24
C SER B 121 -35.90 -7.47 -8.77
N LYS B 122 -35.37 -8.50 -8.11
CA LYS B 122 -35.67 -8.73 -6.72
C LYS B 122 -35.03 -7.62 -5.86
N PHE B 123 -33.77 -7.32 -6.17
CA PHE B 123 -33.04 -6.23 -5.52
C PHE B 123 -33.86 -4.94 -5.58
N ARG B 124 -34.35 -4.65 -6.78
CA ARG B 124 -35.14 -3.44 -7.13
C ARG B 124 -36.47 -3.46 -6.37
N LYS B 125 -37.12 -4.62 -6.30
CA LYS B 125 -38.39 -4.78 -5.59
C LYS B 125 -38.24 -4.41 -4.12
N ILE B 126 -37.18 -4.94 -3.47
CA ILE B 126 -36.90 -4.66 -2.07
C ILE B 126 -36.68 -3.17 -1.86
N ILE B 127 -35.81 -2.57 -2.67
CA ILE B 127 -35.49 -1.16 -2.55
C ILE B 127 -36.76 -0.29 -2.67
N LYS B 128 -37.60 -0.61 -3.66
CA LYS B 128 -38.83 0.14 -3.88
C LYS B 128 -39.73 0.13 -2.67
N GLU B 129 -39.79 -1.02 -1.98
CA GLU B 129 -40.59 -1.19 -0.77
C GLU B 129 -40.06 -0.32 0.36
N GLU B 130 -38.76 -0.40 0.64
CA GLU B 130 -38.17 0.36 1.72
C GLU B 130 -38.34 1.86 1.49
N VAL B 131 -38.21 2.29 0.23
CA VAL B 131 -38.36 3.69 -0.14
C VAL B 131 -39.80 4.16 0.10
N LYS B 132 -40.77 3.28 -0.16
CA LYS B 132 -42.17 3.56 0.05
C LYS B 132 -42.46 3.84 1.53
N GLU B 133 -41.67 3.23 2.42
CA GLU B 133 -41.77 3.40 3.88
C GLU B 133 -41.01 4.60 4.47
N ILE B 134 -40.26 5.33 3.64
CA ILE B 134 -39.50 6.49 4.09
C ILE B 134 -40.40 7.73 4.11
N LYS B 135 -40.62 8.28 5.31
CA LYS B 135 -41.59 9.35 5.52
C LYS B 135 -41.00 10.72 5.87
N ASP B 136 -39.68 10.79 6.05
CA ASP B 136 -39.00 12.05 6.43
C ASP B 136 -38.23 12.73 5.31
N ILE B 137 -38.05 12.01 4.19
CA ILE B 137 -37.31 12.48 3.03
C ILE B 137 -38.15 12.33 1.76
N ASP B 138 -38.12 13.37 0.91
CA ASP B 138 -38.80 13.34 -0.37
C ASP B 138 -37.92 12.53 -1.33
N VAL B 139 -38.26 11.26 -1.52
CA VAL B 139 -37.43 10.31 -2.23
C VAL B 139 -38.29 9.26 -2.93
N SER B 140 -38.11 9.15 -4.25
CA SER B 140 -38.80 8.16 -5.07
C SER B 140 -37.77 7.37 -5.90
N VAL B 141 -38.23 6.26 -6.49
CA VAL B 141 -37.44 5.42 -7.36
C VAL B 141 -37.76 5.71 -8.81
N GLU B 142 -36.73 6.06 -9.57
CA GLU B 142 -36.88 6.42 -10.97
C GLU B 142 -37.33 5.19 -11.77
N LYS B 143 -38.16 5.42 -12.79
CA LYS B 143 -38.58 4.37 -13.74
C LYS B 143 -37.37 3.61 -14.31
N GLU B 144 -37.44 2.29 -14.31
CA GLU B 144 -36.37 1.44 -14.82
C GLU B 144 -35.98 1.80 -16.26
N LYS B 145 -34.67 1.95 -16.49
CA LYS B 145 -34.05 2.05 -17.82
C LYS B 145 -33.57 0.65 -18.19
N PRO B 146 -34.09 0.04 -19.28
CA PRO B 146 -33.71 -1.32 -19.66
C PRO B 146 -32.19 -1.48 -19.87
N GLY B 147 -31.64 -2.61 -19.43
CA GLY B 147 -30.22 -2.92 -19.56
C GLY B 147 -29.36 -2.38 -18.43
N SER B 148 -29.68 -1.17 -17.95
CA SER B 148 -28.98 -0.49 -16.85
C SER B 148 -28.91 -1.34 -15.58
N PRO B 149 -27.74 -1.43 -14.93
CA PRO B 149 -27.58 -2.22 -13.70
C PRO B 149 -28.01 -1.48 -12.41
N ALA B 150 -28.47 -0.24 -12.55
CA ALA B 150 -28.67 0.66 -11.42
C ALA B 150 -30.12 0.75 -11.03
N VAL B 151 -30.38 0.83 -9.72
CA VAL B 151 -31.64 1.34 -9.21
C VAL B 151 -31.37 2.77 -8.78
N THR B 152 -32.01 3.72 -9.46
CA THR B 152 -31.78 5.14 -9.26
C THR B 152 -32.84 5.77 -8.39
N LEU B 153 -32.40 6.41 -7.30
CA LEU B 153 -33.25 7.16 -6.40
C LEU B 153 -33.17 8.63 -6.79
N LEU B 154 -34.32 9.30 -6.82
CA LEU B 154 -34.37 10.74 -7.00
C LEU B 154 -34.78 11.31 -5.65
N ILE B 155 -33.91 12.15 -5.08
CA ILE B 155 -34.15 12.85 -3.81
C ILE B 155 -34.36 14.34 -4.06
N ARG B 156 -35.27 14.96 -3.30
CA ARG B 156 -35.55 16.42 -3.32
C ARG B 156 -35.23 16.99 -1.94
N ASN B 157 -34.12 17.72 -1.83
CA ASN B 157 -33.50 18.09 -0.58
C ASN B 157 -33.56 19.54 -0.10
N PRO B 158 -34.31 20.51 -0.70
CA PRO B 158 -35.17 20.33 -1.88
C PRO B 158 -34.51 20.26 -3.27
N GLU B 159 -33.21 20.58 -3.39
CA GLU B 159 -32.44 20.38 -4.62
C GLU B 159 -32.47 18.92 -5.07
N GLU B 160 -32.51 18.70 -6.39
CA GLU B 160 -32.55 17.36 -6.96
C GLU B 160 -31.18 16.67 -6.81
N ILE B 161 -31.19 15.51 -6.16
CA ILE B 161 -30.03 14.64 -5.98
C ILE B 161 -30.39 13.25 -6.46
N SER B 162 -29.52 12.67 -7.31
CA SER B 162 -29.74 11.35 -7.86
C SER B 162 -28.76 10.37 -7.20
N VAL B 163 -29.28 9.21 -6.77
CA VAL B 163 -28.45 8.14 -6.20
C VAL B 163 -28.63 6.83 -6.97
N ASP B 164 -27.55 6.36 -7.59
CA ASP B 164 -27.51 5.08 -8.29
C ASP B 164 -27.03 3.99 -7.35
N ILE B 165 -27.88 2.98 -7.12
CA ILE B 165 -27.53 1.83 -6.32
C ILE B 165 -27.30 0.64 -7.22
N ILE B 166 -26.03 0.22 -7.28
CA ILE B 166 -25.59 -0.85 -8.18
C ILE B 166 -25.35 -2.14 -7.41
N LEU B 167 -26.17 -3.17 -7.71
CA LEU B 167 -25.92 -4.53 -7.25
C LEU B 167 -24.65 -5.02 -7.94
N ALA B 168 -23.80 -5.73 -7.18
CA ALA B 168 -22.58 -6.30 -7.74
C ALA B 168 -22.23 -7.60 -7.06
N LEU B 169 -21.79 -8.57 -7.87
CA LEU B 169 -21.17 -9.80 -7.37
C LEU B 169 -19.69 -9.54 -7.15
N GLU B 170 -19.19 -9.97 -5.99
CA GLU B 170 -17.76 -9.91 -5.67
C GLU B 170 -17.13 -11.29 -5.79
N SER B 171 -16.05 -11.39 -6.57
CA SER B 171 -15.28 -12.63 -6.73
C SER B 171 -13.82 -12.42 -6.36
N LYS B 172 -13.30 -13.35 -5.55
CA LYS B 172 -11.95 -13.26 -5.00
C LYS B 172 -10.90 -13.98 -5.82
N GLY B 173 -11.33 -14.68 -6.87
CA GLY B 173 -10.42 -15.47 -7.67
C GLY B 173 -9.51 -14.56 -8.48
N SER B 174 -8.66 -15.17 -9.29
CA SER B 174 -7.92 -14.46 -10.32
C SER B 174 -8.89 -13.63 -11.15
N TRP B 175 -8.44 -12.48 -11.65
CA TRP B 175 -9.20 -11.71 -12.60
C TRP B 175 -9.38 -12.51 -13.89
N PRO B 176 -10.46 -12.29 -14.68
CA PRO B 176 -10.64 -13.00 -15.94
C PRO B 176 -9.52 -12.69 -16.94
N ILE B 177 -9.20 -13.67 -17.79
CA ILE B 177 -8.09 -13.59 -18.73
C ILE B 177 -8.15 -12.41 -19.72
N SER B 178 -9.35 -11.91 -19.98
CA SER B 178 -9.53 -10.77 -20.85
C SER B 178 -8.84 -9.52 -20.28
N THR B 179 -8.54 -9.54 -18.98
CA THR B 179 -7.86 -8.43 -18.32
C THR B 179 -6.36 -8.60 -18.19
N LYS B 180 -5.83 -9.75 -18.64
CA LYS B 180 -4.44 -10.08 -18.39
C LYS B 180 -3.49 -8.95 -18.80
N GLU B 181 -3.75 -8.37 -19.97
CA GLU B 181 -2.92 -7.32 -20.54
C GLU B 181 -3.44 -5.91 -20.27
N GLY B 182 -4.45 -5.80 -19.40
CA GLY B 182 -5.07 -4.54 -19.04
C GLY B 182 -4.32 -3.86 -17.91
N LEU B 183 -4.81 -2.69 -17.48
CA LEU B 183 -4.24 -1.93 -16.37
C LEU B 183 -2.74 -1.76 -16.57
N PRO B 184 -2.34 -1.09 -17.68
CA PRO B 184 -0.91 -0.98 -18.05
C PRO B 184 -0.18 0.12 -17.29
N ILE B 185 -0.11 -0.01 -15.96
CA ILE B 185 0.42 1.02 -15.04
C ILE B 185 1.90 0.85 -14.65
N GLN B 186 2.58 -0.11 -15.29
CA GLN B 186 3.93 -0.54 -14.87
C GLN B 186 4.98 0.56 -14.88
N GLY B 187 4.89 1.49 -15.84
CA GLY B 187 5.80 2.60 -15.95
C GLY B 187 5.34 3.86 -15.26
N TRP B 188 4.17 3.80 -14.60
CA TRP B 188 3.54 4.96 -14.00
C TRP B 188 3.38 4.76 -12.49
N LEU B 189 2.53 3.80 -12.10
CA LEU B 189 2.31 3.46 -10.71
C LEU B 189 3.13 2.22 -10.27
N GLY B 190 3.46 1.37 -11.24
CA GLY B 190 4.46 0.34 -11.07
C GLY B 190 3.95 -1.08 -10.96
N THR B 191 4.88 -2.03 -10.95
CA THR B 191 4.56 -3.45 -10.88
C THR B 191 4.02 -3.93 -9.52
N LYS B 192 4.57 -3.40 -8.42
CA LYS B 192 4.08 -3.74 -7.09
C LYS B 192 2.64 -3.28 -6.89
N VAL B 193 2.37 -2.02 -7.26
CA VAL B 193 1.01 -1.50 -7.21
C VAL B 193 0.07 -2.38 -8.03
N ARG B 194 0.44 -2.67 -9.28
CA ARG B 194 -0.40 -3.45 -10.24
C ARG B 194 -0.65 -4.85 -9.67
N THR B 195 0.39 -5.51 -9.19
CA THR B 195 0.22 -6.86 -8.65
C THR B 195 -0.75 -6.87 -7.45
N ASN B 196 -0.62 -5.88 -6.57
CA ASN B 196 -1.48 -5.76 -5.39
C ASN B 196 -2.91 -5.46 -5.77
N LEU B 197 -3.09 -4.53 -6.71
CA LEU B 197 -4.42 -4.20 -7.21
C LEU B 197 -5.14 -5.44 -7.75
N ARG B 198 -4.43 -6.30 -8.47
CA ARG B 198 -5.00 -7.50 -9.14
C ARG B 198 -5.24 -8.63 -8.13
N ARG B 199 -4.70 -8.52 -6.91
CA ARG B 199 -5.00 -9.43 -5.76
C ARG B 199 -6.30 -9.02 -5.05
N GLU B 200 -6.84 -7.83 -5.32
CA GLU B 200 -8.14 -7.45 -4.82
C GLU B 200 -9.21 -8.24 -5.55
N PRO B 201 -10.45 -8.29 -5.04
CA PRO B 201 -11.55 -8.90 -5.78
C PRO B 201 -11.81 -8.18 -7.11
N PHE B 202 -12.61 -8.82 -7.98
CA PHE B 202 -13.20 -8.16 -9.13
C PHE B 202 -14.72 -8.24 -8.98
N TYR B 203 -15.44 -7.40 -9.73
CA TYR B 203 -16.92 -7.23 -9.59
C TYR B 203 -17.62 -7.45 -10.93
N LEU B 204 -18.85 -7.95 -10.85
CA LEU B 204 -19.73 -8.12 -11.96
C LEU B 204 -21.01 -7.39 -11.61
N VAL B 205 -21.50 -6.61 -12.57
CA VAL B 205 -22.64 -5.76 -12.41
C VAL B 205 -23.69 -6.18 -13.44
N PRO B 206 -24.99 -6.11 -13.08
CA PRO B 206 -26.07 -6.58 -13.97
C PRO B 206 -26.39 -5.62 -15.12
N LYS B 207 -25.36 -5.06 -15.77
CA LYS B 207 -25.50 -4.45 -17.10
C LYS B 207 -25.40 -5.59 -18.08
N ASN B 208 -26.40 -5.72 -18.94
CA ASN B 208 -26.37 -6.73 -20.00
C ASN B 208 -26.25 -6.16 -21.41
N ALA B 209 -26.98 -5.06 -21.65
CA ALA B 209 -27.43 -4.62 -22.96
C ALA B 209 -28.96 -4.85 -23.07
N LYS B 210 -29.70 -3.85 -23.54
CA LYS B 210 -31.05 -4.07 -24.06
C LYS B 210 -31.03 -3.99 -25.62
N ASP B 211 -30.09 -4.73 -26.22
CA ASP B 211 -29.88 -4.71 -27.68
C ASP B 211 -31.12 -5.26 -28.46
N GLY B 212 -31.73 -6.31 -27.92
CA GLY B 212 -32.56 -7.23 -28.67
C GLY B 212 -31.72 -8.20 -29.51
N ASN B 213 -30.42 -8.31 -29.18
CA ASN B 213 -29.37 -8.97 -30.01
C ASN B 213 -28.88 -10.33 -29.51
N SER B 214 -28.62 -10.42 -28.20
CA SER B 214 -27.94 -11.57 -27.58
C SER B 214 -28.65 -12.03 -26.27
N PHE B 215 -28.32 -13.24 -25.80
CA PHE B 215 -28.71 -13.80 -24.47
C PHE B 215 -28.57 -12.81 -23.27
N GLN B 216 -29.14 -11.62 -23.47
CA GLN B 216 -28.82 -10.44 -22.72
C GLN B 216 -29.24 -10.43 -21.27
N GLY B 217 -30.41 -10.97 -20.91
CA GLY B 217 -30.92 -10.87 -19.54
C GLY B 217 -30.10 -11.59 -18.46
N GLU B 218 -29.27 -12.55 -18.89
CA GLU B 218 -28.40 -13.32 -18.00
C GLU B 218 -26.94 -12.84 -17.96
N THR B 219 -26.63 -11.81 -18.75
CA THR B 219 -25.29 -11.31 -18.89
C THR B 219 -24.96 -10.28 -17.80
N TRP B 220 -23.73 -10.36 -17.28
CA TRP B 220 -23.17 -9.41 -16.35
C TRP B 220 -21.96 -8.78 -17.01
N ARG B 221 -21.58 -7.59 -16.52
CA ARG B 221 -20.42 -6.80 -16.99
C ARG B 221 -19.41 -6.63 -15.85
N LEU B 222 -18.11 -6.69 -16.18
CA LEU B 222 -17.04 -6.48 -15.23
C LEU B 222 -17.07 -5.03 -14.77
N SER B 223 -16.80 -4.83 -13.46
CA SER B 223 -16.64 -3.51 -12.85
C SER B 223 -15.29 -3.43 -12.12
N PHE B 224 -14.65 -2.27 -12.27
CA PHE B 224 -13.37 -1.96 -11.66
C PHE B 224 -13.42 -0.59 -10.98
N SER B 225 -14.61 -0.21 -10.48
CA SER B 225 -14.79 1.07 -9.81
C SER B 225 -13.91 1.20 -8.59
N HIS B 226 -13.72 0.09 -7.86
CA HIS B 226 -12.80 0.07 -6.74
C HIS B 226 -11.38 0.40 -7.19
N THR B 227 -10.98 -0.16 -8.33
CA THR B 227 -9.62 0.04 -8.84
C THR B 227 -9.45 1.48 -9.38
N GLU B 228 -10.50 1.98 -10.02
CA GLU B 228 -10.53 3.34 -10.56
C GLU B 228 -10.47 4.40 -9.45
N LYS B 229 -11.13 4.13 -8.33
CA LYS B 229 -11.08 4.97 -7.14
C LYS B 229 -9.65 5.05 -6.58
N TYR B 230 -9.01 3.89 -6.40
CA TYR B 230 -7.60 3.81 -5.92
C TYR B 230 -6.73 4.67 -6.84
N ILE B 231 -6.88 4.54 -8.16
CA ILE B 231 -6.01 5.25 -9.08
C ILE B 231 -6.18 6.77 -8.96
N LEU B 232 -7.44 7.22 -8.90
CA LEU B 232 -7.75 8.64 -8.79
C LEU B 232 -7.08 9.23 -7.56
N ASN B 233 -7.06 8.47 -6.46
CA ASN B 233 -6.50 8.96 -5.20
C ASN B 233 -5.03 8.60 -4.95
N ASN B 234 -4.42 7.89 -5.90
CA ASN B 234 -3.00 7.50 -5.87
C ASN B 234 -2.44 7.59 -7.28
N HIS B 235 -2.55 8.79 -7.87
CA HIS B 235 -2.44 9.01 -9.30
C HIS B 235 -1.07 9.45 -9.82
N GLY B 236 -0.09 9.61 -8.91
CA GLY B 236 1.22 10.13 -9.25
C GLY B 236 2.29 9.06 -9.38
N ILE B 237 3.37 9.39 -10.10
CA ILE B 237 4.56 8.54 -10.11
C ILE B 237 5.31 8.74 -8.80
N GLU B 238 5.32 9.97 -8.27
CA GLU B 238 5.79 10.24 -6.92
C GLU B 238 4.70 9.95 -5.89
N LYS B 239 5.11 9.27 -4.81
CA LYS B 239 4.23 8.92 -3.70
C LYS B 239 3.60 10.14 -3.04
N THR B 240 4.24 11.30 -3.15
CA THR B 240 3.77 12.51 -2.51
C THR B 240 2.91 13.40 -3.37
N CYS B 241 2.68 13.03 -4.64
CA CYS B 241 1.86 13.85 -5.54
C CYS B 241 0.58 14.27 -4.81
N CYS B 242 0.33 15.59 -4.76
CA CYS B 242 -0.92 16.17 -4.20
C CYS B 242 -1.15 15.96 -2.69
N GLU B 243 -0.10 15.53 -1.98
CA GLU B 243 -0.13 15.40 -0.53
C GLU B 243 0.35 16.70 0.10
N SER B 244 0.11 16.85 1.40
CA SER B 244 0.51 18.05 2.13
C SER B 244 2.04 18.32 2.14
N SER B 245 2.86 17.28 1.94
CA SER B 245 4.33 17.48 1.85
C SER B 245 4.87 17.13 0.48
N GLY B 246 4.00 17.20 -0.54
CA GLY B 246 4.37 17.04 -1.93
C GLY B 246 3.96 18.22 -2.81
N ALA B 247 4.02 17.97 -4.12
CA ALA B 247 3.71 18.97 -5.13
C ALA B 247 2.35 18.65 -5.71
N LYS B 248 1.53 19.69 -5.86
CA LYS B 248 0.23 19.59 -6.48
C LYS B 248 0.43 19.38 -8.00
N CYS B 249 -0.39 18.52 -8.60
CA CYS B 249 -0.46 18.32 -10.04
C CYS B 249 -1.84 18.75 -10.51
N CYS B 250 -2.03 18.83 -11.83
CA CYS B 250 -3.29 19.27 -12.41
C CYS B 250 -4.05 18.17 -13.17
N ARG B 251 -3.75 16.90 -12.85
CA ARG B 251 -4.37 15.71 -13.47
C ARG B 251 -5.90 15.75 -13.24
N LYS B 252 -6.35 15.93 -12.00
CA LYS B 252 -7.79 15.89 -11.69
C LYS B 252 -8.52 17.10 -12.28
N GLU B 253 -7.81 18.23 -12.33
CA GLU B 253 -8.36 19.46 -12.86
C GLU B 253 -8.58 19.33 -14.39
N CYS B 254 -7.67 18.65 -15.08
CA CYS B 254 -7.87 18.34 -16.49
C CYS B 254 -9.06 17.42 -16.70
N LEU B 255 -9.19 16.39 -15.86
CA LEU B 255 -10.37 15.51 -15.89
C LEU B 255 -11.65 16.32 -15.71
N LYS B 256 -11.68 17.21 -14.72
CA LYS B 256 -12.88 18.03 -14.46
C LYS B 256 -13.28 18.86 -15.68
N LEU B 257 -12.28 19.48 -16.31
CA LEU B 257 -12.52 20.37 -17.44
C LEU B 257 -13.06 19.60 -18.64
N MET B 258 -12.52 18.41 -18.87
CA MET B 258 -12.94 17.54 -19.96
C MET B 258 -14.34 16.98 -19.69
N LYS B 259 -14.61 16.61 -18.43
CA LYS B 259 -15.95 16.19 -18.00
C LYS B 259 -16.99 17.27 -18.30
N TYR B 260 -16.61 18.53 -18.05
CA TYR B 260 -17.49 19.72 -18.19
C TYR B 260 -17.78 20.01 -19.67
N LEU B 261 -16.74 20.01 -20.51
CA LEU B 261 -16.88 20.16 -21.97
C LEU B 261 -17.90 19.16 -22.54
N LEU B 262 -17.77 17.88 -22.14
CA LEU B 262 -18.69 16.85 -22.61
C LEU B 262 -20.12 17.08 -22.07
N GLU B 263 -20.25 17.34 -20.76
CA GLU B 263 -21.55 17.68 -20.16
C GLU B 263 -22.27 18.81 -20.90
N GLN B 264 -21.54 19.90 -21.16
CA GLN B 264 -22.12 21.08 -21.79
C GLN B 264 -22.55 20.77 -23.21
N LEU B 265 -21.71 20.02 -23.93
CA LEU B 265 -21.98 19.64 -25.31
C LEU B 265 -23.17 18.69 -25.40
N LYS B 266 -23.26 17.78 -24.43
CA LYS B 266 -24.36 16.82 -24.37
C LYS B 266 -25.73 17.47 -24.10
N LYS B 267 -25.75 18.53 -23.27
CA LYS B 267 -26.97 19.31 -23.01
C LYS B 267 -27.56 19.94 -24.28
N GLU B 268 -26.67 20.35 -25.21
CA GLU B 268 -27.03 21.09 -26.40
C GLU B 268 -27.33 20.21 -27.60
N PHE B 269 -26.62 19.08 -27.73
CA PHE B 269 -26.71 18.25 -28.93
C PHE B 269 -27.10 16.80 -28.65
N GLN B 270 -28.29 16.41 -29.13
CA GLN B 270 -28.85 15.06 -29.03
C GLN B 270 -27.98 14.05 -29.78
N GLU B 271 -27.31 14.53 -30.83
CA GLU B 271 -26.35 13.76 -31.61
C GLU B 271 -25.29 13.09 -30.73
N LEU B 272 -25.05 13.66 -29.53
CA LEU B 272 -24.04 13.17 -28.61
C LEU B 272 -24.56 12.23 -27.51
N ASP B 273 -25.74 11.64 -27.74
CA ASP B 273 -26.37 10.77 -26.74
C ASP B 273 -25.57 9.50 -26.44
N ALA B 274 -24.82 9.00 -27.41
CA ALA B 274 -24.00 7.81 -27.23
C ALA B 274 -22.73 8.00 -26.38
N PHE B 275 -22.36 9.26 -26.11
CA PHE B 275 -21.14 9.58 -25.35
C PHE B 275 -21.46 9.81 -23.88
N CYS B 276 -20.55 9.38 -22.99
CA CYS B 276 -20.69 9.51 -21.54
C CYS B 276 -19.36 9.83 -20.87
N SER B 277 -19.43 10.20 -19.59
CA SER B 277 -18.28 10.57 -18.80
C SER B 277 -17.24 9.46 -18.72
N TYR B 278 -17.64 8.20 -18.79
CA TYR B 278 -16.71 7.04 -18.70
C TYR B 278 -15.77 7.04 -19.91
N HIS B 279 -16.21 7.59 -21.05
CA HIS B 279 -15.33 7.73 -22.21
C HIS B 279 -14.15 8.67 -21.89
N VAL B 280 -14.43 9.77 -21.17
CA VAL B 280 -13.43 10.75 -20.81
C VAL B 280 -12.49 10.20 -19.74
N LYS B 281 -13.07 9.49 -18.77
CA LYS B 281 -12.31 8.85 -17.69
C LYS B 281 -11.32 7.83 -18.27
N THR B 282 -11.82 7.01 -19.19
CA THR B 282 -11.02 6.03 -19.89
C THR B 282 -9.89 6.71 -20.65
N ALA B 283 -10.23 7.73 -21.44
CA ALA B 283 -9.25 8.48 -22.22
C ALA B 283 -8.11 9.05 -21.38
N ILE B 284 -8.44 9.61 -20.22
CA ILE B 284 -7.45 10.26 -19.37
C ILE B 284 -6.58 9.24 -18.61
N PHE B 285 -7.12 8.05 -18.34
CA PHE B 285 -6.31 6.98 -17.76
C PHE B 285 -5.19 6.63 -18.75
N HIS B 286 -5.53 6.58 -20.04
CA HIS B 286 -4.56 6.34 -21.10
C HIS B 286 -3.53 7.48 -21.21
N MET B 287 -4.00 8.73 -21.15
CA MET B 287 -3.12 9.92 -21.17
C MET B 287 -2.13 9.88 -20.00
N TRP B 288 -2.64 9.56 -18.80
CA TRP B 288 -1.81 9.51 -17.61
C TRP B 288 -0.73 8.42 -17.68
N THR B 289 -1.01 7.34 -18.42
CA THR B 289 -0.09 6.24 -18.65
C THR B 289 0.99 6.65 -19.68
N GLN B 290 0.53 7.35 -20.72
CA GLN B 290 1.39 7.85 -21.77
C GLN B 290 2.35 8.95 -21.26
N ASP B 291 1.87 9.80 -20.34
CA ASP B 291 2.65 10.88 -19.74
C ASP B 291 2.75 10.63 -18.24
N PRO B 292 3.60 9.68 -17.79
CA PRO B 292 3.60 9.25 -16.40
C PRO B 292 4.16 10.29 -15.40
N GLN B 293 5.07 11.16 -15.83
CA GLN B 293 5.77 12.08 -14.93
C GLN B 293 4.83 13.14 -14.35
N ASP B 294 4.92 13.37 -13.04
CA ASP B 294 4.13 14.40 -12.35
C ASP B 294 4.43 15.80 -12.92
N SER B 295 5.65 15.99 -13.39
CA SER B 295 6.11 17.27 -13.93
C SER B 295 5.54 17.52 -15.32
N GLN B 296 5.03 16.49 -15.99
CA GLN B 296 4.26 16.70 -17.23
C GLN B 296 2.83 17.18 -16.95
N TRP B 297 2.46 17.31 -15.67
CA TRP B 297 1.13 17.75 -15.24
C TRP B 297 1.27 18.81 -14.15
N ASP B 298 2.24 19.71 -14.36
CA ASP B 298 2.46 20.85 -13.50
C ASP B 298 1.26 21.80 -13.59
N PRO B 299 0.74 22.31 -12.45
CA PRO B 299 -0.32 23.31 -12.44
C PRO B 299 -0.10 24.52 -13.35
N ARG B 300 1.12 25.03 -13.42
CA ARG B 300 1.52 26.17 -14.30
C ARG B 300 1.23 25.83 -15.76
N ASN B 301 1.19 24.53 -16.13
CA ASN B 301 0.88 24.08 -17.50
C ASN B 301 -0.55 23.57 -17.75
N LEU B 302 -1.52 24.05 -16.97
CA LEU B 302 -2.92 23.61 -17.05
C LEU B 302 -3.47 23.70 -18.48
N SER B 303 -3.24 24.83 -19.15
CA SER B 303 -3.71 25.03 -20.53
C SER B 303 -3.18 23.97 -21.48
N SER B 304 -1.86 23.85 -21.54
CA SER B 304 -1.23 22.93 -22.45
C SER B 304 -1.57 21.47 -22.07
N CYS B 305 -1.67 21.18 -20.78
CA CYS B 305 -2.12 19.84 -20.33
C CYS B 305 -3.55 19.53 -20.80
N PHE B 306 -4.45 20.49 -20.62
CA PHE B 306 -5.83 20.34 -21.04
C PHE B 306 -5.90 20.23 -22.56
N ASP B 307 -5.06 21.00 -23.23
CA ASP B 307 -5.00 20.93 -24.67
C ASP B 307 -4.53 19.57 -25.20
N LYS B 308 -3.46 19.03 -24.61
CA LYS B 308 -2.93 17.76 -25.09
C LYS B 308 -3.93 16.63 -24.89
N LEU B 309 -4.77 16.75 -23.84
CA LEU B 309 -5.87 15.82 -23.59
C LEU B 309 -6.95 15.85 -24.69
N LEU B 310 -7.33 17.06 -25.12
CA LEU B 310 -8.28 17.22 -26.22
C LEU B 310 -7.76 16.58 -27.49
N ALA B 311 -6.47 16.78 -27.75
CA ALA B 311 -5.83 16.25 -28.95
C ALA B 311 -5.89 14.73 -28.90
N PHE B 312 -5.56 14.17 -27.73
CA PHE B 312 -5.62 12.72 -27.52
C PHE B 312 -7.03 12.19 -27.78
N PHE B 313 -8.03 12.85 -27.18
CA PHE B 313 -9.42 12.47 -27.32
C PHE B 313 -9.85 12.53 -28.79
N LEU B 314 -9.37 13.55 -29.50
CA LEU B 314 -9.66 13.70 -30.91
C LEU B 314 -9.06 12.56 -31.74
N GLU B 315 -7.85 12.11 -31.37
CA GLU B 315 -7.18 11.03 -32.08
C GLU B 315 -7.96 9.72 -31.86
N CYS B 316 -8.43 9.52 -30.62
CA CYS B 316 -9.33 8.43 -30.29
C CYS B 316 -10.60 8.41 -31.17
N LEU B 317 -11.21 9.59 -31.36
CA LEU B 317 -12.43 9.72 -32.17
C LEU B 317 -12.18 9.44 -33.64
N ARG B 318 -11.08 9.99 -34.17
CA ARG B 318 -10.69 9.95 -35.61
C ARG B 318 -10.32 8.50 -35.98
N THR B 319 -9.58 7.80 -35.11
CA THR B 319 -9.22 6.42 -35.36
C THR B 319 -10.23 5.41 -34.84
N GLU B 320 -11.36 5.89 -34.30
CA GLU B 320 -12.45 5.05 -33.80
C GLU B 320 -11.94 3.98 -32.81
N LYS B 321 -11.14 4.43 -31.84
CA LYS B 321 -10.36 3.54 -30.99
C LYS B 321 -10.21 4.12 -29.59
N LEU B 322 -10.92 3.51 -28.63
CA LEU B 322 -10.81 3.83 -27.22
C LEU B 322 -10.99 2.56 -26.39
N ASP B 323 -9.88 1.87 -26.10
CA ASP B 323 -9.90 0.60 -25.39
C ASP B 323 -10.18 0.81 -23.92
N HIS B 324 -11.17 0.07 -23.40
CA HIS B 324 -11.37 -0.08 -21.97
C HIS B 324 -10.01 -0.30 -21.32
N TYR B 325 -9.73 0.44 -20.24
CA TYR B 325 -8.40 0.50 -19.58
C TYR B 325 -8.03 -0.86 -18.98
N PHE B 326 -9.03 -1.67 -18.61
CA PHE B 326 -8.85 -2.94 -17.91
C PHE B 326 -9.05 -4.16 -18.81
N ILE B 327 -9.70 -3.94 -19.97
CA ILE B 327 -10.09 -5.00 -20.89
C ILE B 327 -9.70 -4.56 -22.30
N PRO B 328 -8.42 -4.72 -22.68
CA PRO B 328 -7.87 -4.07 -23.86
C PRO B 328 -8.59 -4.39 -25.18
N LYS B 329 -9.22 -5.56 -25.32
CA LYS B 329 -9.86 -5.95 -26.57
C LYS B 329 -11.20 -5.27 -26.78
N PHE B 330 -11.72 -4.62 -25.72
CA PHE B 330 -13.04 -4.01 -25.73
C PHE B 330 -12.90 -2.53 -26.09
N ASN B 331 -13.25 -2.21 -27.34
CA ASN B 331 -13.24 -0.86 -27.87
C ASN B 331 -14.58 -0.14 -27.66
N LEU B 332 -14.57 0.85 -26.75
CA LEU B 332 -15.76 1.64 -26.42
C LEU B 332 -16.19 2.53 -27.59
N PHE B 333 -15.28 2.78 -28.53
CA PHE B 333 -15.54 3.58 -29.72
C PHE B 333 -15.64 2.75 -31.00
N SER B 334 -15.88 1.44 -30.86
CA SER B 334 -16.08 0.58 -32.03
C SER B 334 -17.26 1.08 -32.85
N GLN B 335 -17.24 0.80 -34.15
CA GLN B 335 -18.34 1.10 -35.05
C GLN B 335 -19.68 0.59 -34.50
N GLU B 336 -19.63 -0.64 -33.95
CA GLU B 336 -20.80 -1.35 -33.46
C GLU B 336 -21.46 -0.71 -32.24
N LEU B 337 -20.77 0.22 -31.60
CA LEU B 337 -21.27 0.91 -30.39
C LEU B 337 -21.63 2.37 -30.63
N ILE B 338 -20.90 3.03 -31.53
CA ILE B 338 -21.10 4.43 -31.88
C ILE B 338 -20.78 4.58 -33.35
N ASP B 339 -21.72 5.14 -34.13
CA ASP B 339 -21.53 5.37 -35.56
C ASP B 339 -20.47 6.46 -35.81
N ARG B 340 -19.77 6.37 -36.95
CA ARG B 340 -18.72 7.34 -37.38
C ARG B 340 -19.31 8.75 -37.40
N LYS B 341 -20.54 8.88 -37.90
CA LYS B 341 -21.28 10.15 -37.93
C LYS B 341 -21.22 10.86 -36.59
N SER B 342 -21.47 10.12 -35.51
CA SER B 342 -21.46 10.68 -34.15
C SER B 342 -20.06 11.07 -33.69
N LYS B 343 -19.06 10.29 -34.09
CA LYS B 343 -17.66 10.58 -33.75
C LYS B 343 -17.15 11.82 -34.47
N GLU B 344 -17.52 11.95 -35.76
CA GLU B 344 -17.18 13.13 -36.54
C GLU B 344 -17.89 14.40 -36.02
N PHE B 345 -19.15 14.26 -35.61
CA PHE B 345 -19.91 15.36 -35.04
C PHE B 345 -19.21 15.90 -33.79
N LEU B 346 -18.92 15.01 -32.84
CA LEU B 346 -18.24 15.38 -31.60
C LEU B 346 -16.86 15.96 -31.87
N SER B 347 -16.20 15.42 -32.92
CA SER B 347 -14.87 15.87 -33.34
C SER B 347 -14.89 17.33 -33.75
N LYS B 348 -15.82 17.69 -34.64
CA LYS B 348 -15.95 19.05 -35.12
C LYS B 348 -16.28 20.01 -33.98
N LYS B 349 -17.19 19.59 -33.08
CA LYS B 349 -17.60 20.43 -31.95
C LYS B 349 -16.46 20.72 -30.97
N ILE B 350 -15.66 19.70 -30.65
CA ILE B 350 -14.50 19.83 -29.77
C ILE B 350 -13.48 20.76 -30.42
N GLU B 351 -13.15 20.48 -31.68
CA GLU B 351 -12.24 21.31 -32.47
C GLU B 351 -12.65 22.78 -32.47
N TYR B 352 -13.95 23.04 -32.63
CA TYR B 352 -14.54 24.41 -32.66
C TYR B 352 -14.30 25.11 -31.32
N GLU B 353 -14.70 24.49 -30.21
CA GLU B 353 -14.49 25.07 -28.88
C GLU B 353 -13.00 25.36 -28.66
N ARG B 354 -12.18 24.36 -28.96
CA ARG B 354 -10.69 24.41 -28.85
C ARG B 354 -10.12 25.64 -29.58
N ASN B 355 -10.70 26.00 -30.73
CA ASN B 355 -10.13 27.02 -31.61
C ASN B 355 -10.79 28.39 -31.52
N ASN B 356 -11.71 28.54 -30.56
CA ASN B 356 -12.43 29.79 -30.32
C ASN B 356 -12.51 30.16 -28.85
N GLY B 357 -11.54 29.68 -28.06
CA GLY B 357 -11.44 29.93 -26.63
C GLY B 357 -12.59 29.44 -25.76
N PHE B 358 -13.09 28.23 -26.06
CA PHE B 358 -14.14 27.55 -25.29
C PHE B 358 -15.34 28.42 -24.91
N PRO B 359 -16.09 28.97 -25.89
CA PRO B 359 -17.28 29.75 -25.62
C PRO B 359 -18.26 29.03 -24.69
N ILE B 360 -18.39 27.70 -24.85
CA ILE B 360 -19.35 26.91 -24.09
C ILE B 360 -19.13 26.91 -22.58
N PHE B 361 -17.91 27.24 -22.14
CA PHE B 361 -17.61 27.39 -20.71
C PHE B 361 -18.29 28.62 -20.10
N ASP B 362 -18.62 29.62 -20.93
CA ASP B 362 -19.20 30.89 -20.48
C ASP B 362 -20.71 30.83 -20.24
N LYS B 363 -21.11 30.75 -18.96
CA LYS B 363 -22.49 30.92 -18.55
C LYS B 363 -22.65 32.29 -17.92
#